data_6ROR
# 
_entry.id   6ROR 
# 
_audit_conform.dict_name       mmcif_pdbx.dic 
_audit_conform.dict_version    5.392 
_audit_conform.dict_location   http://mmcif.pdb.org/dictionaries/ascii/mmcif_pdbx.dic 
# 
loop_
_database_2.database_id 
_database_2.database_code 
_database_2.pdbx_database_accession 
_database_2.pdbx_DOI 
PDB   6ROR         pdb_00006ror 10.2210/pdb6ror/pdb 
WWPDB D_1200013700 ?            ?                   
# 
loop_
_pdbx_audit_revision_history.ordinal 
_pdbx_audit_revision_history.data_content_type 
_pdbx_audit_revision_history.major_revision 
_pdbx_audit_revision_history.minor_revision 
_pdbx_audit_revision_history.revision_date 
1 'Structure model' 1 0 2020-07-08 
2 'Structure model' 1 1 2021-01-20 
3 'Structure model' 1 2 2024-05-15 
# 
_pdbx_audit_revision_details.ordinal             1 
_pdbx_audit_revision_details.revision_ordinal    1 
_pdbx_audit_revision_details.data_content_type   'Structure model' 
_pdbx_audit_revision_details.provider            repository 
_pdbx_audit_revision_details.type                'Initial release' 
_pdbx_audit_revision_details.description         ? 
_pdbx_audit_revision_details.details             ? 
# 
loop_
_pdbx_audit_revision_group.ordinal 
_pdbx_audit_revision_group.revision_ordinal 
_pdbx_audit_revision_group.data_content_type 
_pdbx_audit_revision_group.group 
1 2 'Structure model' 'Database references'  
2 2 'Structure model' 'Derived calculations' 
3 3 'Structure model' 'Data collection'      
4 3 'Structure model' 'Database references'  
# 
loop_
_pdbx_audit_revision_category.ordinal 
_pdbx_audit_revision_category.revision_ordinal 
_pdbx_audit_revision_category.data_content_type 
_pdbx_audit_revision_category.category 
1 2 'Structure model' citation        
2 2 'Structure model' citation_author 
3 2 'Structure model' struct_conn     
4 3 'Structure model' chem_comp_atom  
5 3 'Structure model' chem_comp_bond  
6 3 'Structure model' database_2      
# 
loop_
_pdbx_audit_revision_item.ordinal 
_pdbx_audit_revision_item.revision_ordinal 
_pdbx_audit_revision_item.data_content_type 
_pdbx_audit_revision_item.item 
1  2 'Structure model' '_citation.journal_abbrev'            
2  2 'Structure model' '_citation.journal_id_CSD'            
3  2 'Structure model' '_citation.journal_id_ISSN'           
4  2 'Structure model' '_citation.journal_volume'            
5  2 'Structure model' '_citation.page_first'                
6  2 'Structure model' '_citation.page_last'                 
7  2 'Structure model' '_citation.pdbx_database_id_DOI'      
8  2 'Structure model' '_citation.pdbx_database_id_PubMed'   
9  2 'Structure model' '_citation.title'                     
10 2 'Structure model' '_citation.year'                      
11 2 'Structure model' '_struct_conn.conn_type_id'           
12 2 'Structure model' '_struct_conn.id'                     
13 2 'Structure model' '_struct_conn.pdbx_dist_value'        
14 2 'Structure model' '_struct_conn.pdbx_leaving_atom_flag' 
15 2 'Structure model' '_struct_conn.ptnr1_label_atom_id'    
16 2 'Structure model' '_struct_conn.ptnr2_auth_comp_id'     
17 2 'Structure model' '_struct_conn.ptnr2_auth_seq_id'      
18 2 'Structure model' '_struct_conn.ptnr2_label_asym_id'    
19 2 'Structure model' '_struct_conn.ptnr2_label_atom_id'    
20 2 'Structure model' '_struct_conn.ptnr2_label_comp_id'    
21 2 'Structure model' '_struct_conn.ptnr2_label_seq_id'     
22 3 'Structure model' '_database_2.pdbx_DOI'                
23 3 'Structure model' '_database_2.pdbx_database_accession' 
# 
_pdbx_database_status.status_code                     REL 
_pdbx_database_status.status_code_sf                  REL 
_pdbx_database_status.status_code_mr                  ? 
_pdbx_database_status.entry_id                        6ROR 
_pdbx_database_status.recvd_initial_deposition_date   2019-05-13 
_pdbx_database_status.SG_entry                        N 
_pdbx_database_status.deposit_site                    PDBE 
_pdbx_database_status.process_site                    PDBE 
_pdbx_database_status.status_code_cs                  ? 
_pdbx_database_status.methods_development_category    ? 
_pdbx_database_status.pdb_format_compatible           Y 
_pdbx_database_status.status_code_nmr_data            ? 
# 
loop_
_audit_author.name 
_audit_author.pdbx_ordinal 
_audit_author.identifier_ORCID 
'Kolenko, P.'   1 0000-0002-4619-9276 
'Svoboda, J.'   2 0000-0003-3056-2357 
'Schneider, B.' 3 0000-0001-7855-3690 
# 
_citation.abstract                  ? 
_citation.abstract_id_CAS           ? 
_citation.book_id_ISBN              ? 
_citation.book_publisher            ? 
_citation.book_publisher_city       ? 
_citation.book_title                ? 
_citation.coordinate_linkage        ? 
_citation.country                   ? 
_citation.database_id_Medline       ? 
_citation.details                   ? 
_citation.id                        primary 
_citation.journal_abbrev            'Acta Crystallogr D Struct Biol' 
_citation.journal_id_ASTM           ? 
_citation.journal_id_CSD            ? 
_citation.journal_id_ISSN           2059-7983 
_citation.journal_full              ? 
_citation.journal_issue             ? 
_citation.journal_volume            76 
_citation.language                  ? 
_citation.page_first                1233 
_citation.page_last                 1243 
_citation.title                     'Structural variability of CG-rich DNA 18-mers accommodating double T-T mismatches.' 
_citation.year                      2020 
_citation.database_id_CSD           ? 
_citation.pdbx_database_id_DOI      10.1107/S2059798320014151 
_citation.pdbx_database_id_PubMed   33263329 
_citation.unpublished_flag          ? 
# 
loop_
_citation_author.citation_id 
_citation_author.name 
_citation_author.ordinal 
_citation_author.identifier_ORCID 
primary 'Kolenko, P.'    1 0000-0002-4619-9276 
primary 'Svoboda, J.'    2 ?                   
primary 'Cerny, J.'      3 0000-0002-1969-9304 
primary 'Charnavets, T.' 4 ?                   
primary 'Schneider, B.'  5 0000-0001-7855-3690 
# 
loop_
_entity.id 
_entity.type 
_entity.src_method 
_entity.pdbx_description 
_entity.formula_weight 
_entity.pdbx_number_of_molecules 
_entity.pdbx_ec 
_entity.pdbx_mutation 
_entity.pdbx_fragment 
_entity.details 
1 polymer     syn 'REP related 18-mer DNA from C. hominis' 5574.410 1 ? ? ? ? 
2 non-polymer syn 'STRONTIUM ION'                          87.620   2 ? ? ? ? 
# 
_entity_poly.entity_id                      1 
_entity_poly.type                           polydeoxyribonucleotide 
_entity_poly.nstd_linkage                   no 
_entity_poly.nstd_monomer                   yes 
_entity_poly.pdbx_seq_one_letter_code       '(DG)(DG)(DT)(DG)(DG)(DG)(DG)(DC)(BRU)(DT)(DG)(DC)(DC)(DC)(DC)(DA)(DC)(DC)' 
_entity_poly.pdbx_seq_one_letter_code_can   GGTGGGGCUTGCCCCACC 
_entity_poly.pdbx_strand_id                 A 
_entity_poly.pdbx_target_identifier         ? 
# 
_pdbx_entity_nonpoly.entity_id   2 
_pdbx_entity_nonpoly.name        'STRONTIUM ION' 
_pdbx_entity_nonpoly.comp_id     SR 
# 
loop_
_entity_poly_seq.entity_id 
_entity_poly_seq.num 
_entity_poly_seq.mon_id 
_entity_poly_seq.hetero 
1 1  DG  n 
1 2  DG  n 
1 3  DT  n 
1 4  DG  n 
1 5  DG  n 
1 6  DG  n 
1 7  DG  n 
1 8  DC  n 
1 9  BRU n 
1 10 DT  n 
1 11 DG  n 
1 12 DC  n 
1 13 DC  n 
1 14 DC  n 
1 15 DC  n 
1 16 DA  n 
1 17 DC  n 
1 18 DC  n 
# 
_pdbx_entity_src_syn.entity_id              1 
_pdbx_entity_src_syn.pdbx_src_id            1 
_pdbx_entity_src_syn.pdbx_alt_source_flag   sample 
_pdbx_entity_src_syn.pdbx_beg_seq_num       1 
_pdbx_entity_src_syn.pdbx_end_seq_num       18 
_pdbx_entity_src_syn.organism_scientific    'Cardiobacterium hominis' 
_pdbx_entity_src_syn.organism_common_name   ? 
_pdbx_entity_src_syn.ncbi_taxonomy_id       2718 
_pdbx_entity_src_syn.details                ? 
# 
loop_
_chem_comp.id 
_chem_comp.type 
_chem_comp.mon_nstd_flag 
_chem_comp.name 
_chem_comp.pdbx_synonyms 
_chem_comp.formula 
_chem_comp.formula_weight 
BRU 'DNA linking' n "5-BROMO-2'-DEOXYURIDINE-5'-MONOPHOSPHATE" ? 'C9 H12 Br N2 O8 P' 387.078 
DA  'DNA linking' y "2'-DEOXYADENOSINE-5'-MONOPHOSPHATE"       ? 'C10 H14 N5 O6 P'   331.222 
DC  'DNA linking' y "2'-DEOXYCYTIDINE-5'-MONOPHOSPHATE"        ? 'C9 H14 N3 O7 P'    307.197 
DG  'DNA linking' y "2'-DEOXYGUANOSINE-5'-MONOPHOSPHATE"       ? 'C10 H14 N5 O7 P'   347.221 
DT  'DNA linking' y "THYMIDINE-5'-MONOPHOSPHATE"               ? 'C10 H15 N2 O8 P'   322.208 
SR  non-polymer   . 'STRONTIUM ION'                            ? 'Sr 2'              87.620  
# 
loop_
_pdbx_poly_seq_scheme.asym_id 
_pdbx_poly_seq_scheme.entity_id 
_pdbx_poly_seq_scheme.seq_id 
_pdbx_poly_seq_scheme.mon_id 
_pdbx_poly_seq_scheme.ndb_seq_num 
_pdbx_poly_seq_scheme.pdb_seq_num 
_pdbx_poly_seq_scheme.auth_seq_num 
_pdbx_poly_seq_scheme.pdb_mon_id 
_pdbx_poly_seq_scheme.auth_mon_id 
_pdbx_poly_seq_scheme.pdb_strand_id 
_pdbx_poly_seq_scheme.pdb_ins_code 
_pdbx_poly_seq_scheme.hetero 
A 1 1  DG  1  1  1  DG  DG  A . n 
A 1 2  DG  2  2  2  DG  DG  A . n 
A 1 3  DT  3  3  3  DT  DT  A . n 
A 1 4  DG  4  4  4  DG  DG  A . n 
A 1 5  DG  5  5  5  DG  DG  A . n 
A 1 6  DG  6  6  6  DG  DG  A . n 
A 1 7  DG  7  7  7  DG  DG  A . n 
A 1 8  DC  8  8  8  DC  DC  A . n 
A 1 9  BRU 9  9  9  BRU BRU A . n 
A 1 10 DT  10 10 10 DT  DT  A . n 
A 1 11 DG  11 11 11 DG  DG  A . n 
A 1 12 DC  12 12 12 DC  DC  A . n 
A 1 13 DC  13 13 13 DC  DC  A . n 
A 1 14 DC  14 14 14 DC  DC  A . n 
A 1 15 DC  15 15 15 DC  DC  A . n 
A 1 16 DA  16 16 16 DA  DA  A . n 
A 1 17 DC  17 17 17 DC  DC  A . n 
A 1 18 DC  18 18 18 DC  DC  A . n 
# 
loop_
_pdbx_nonpoly_scheme.asym_id 
_pdbx_nonpoly_scheme.entity_id 
_pdbx_nonpoly_scheme.mon_id 
_pdbx_nonpoly_scheme.ndb_seq_num 
_pdbx_nonpoly_scheme.pdb_seq_num 
_pdbx_nonpoly_scheme.auth_seq_num 
_pdbx_nonpoly_scheme.pdb_mon_id 
_pdbx_nonpoly_scheme.auth_mon_id 
_pdbx_nonpoly_scheme.pdb_strand_id 
_pdbx_nonpoly_scheme.pdb_ins_code 
B 2 SR 1 101 1 SR SR A . 
C 2 SR 1 102 2 SR SR A . 
# 
loop_
_software.citation_id 
_software.classification 
_software.compiler_name 
_software.compiler_version 
_software.contact_author 
_software.contact_author_email 
_software.date 
_software.description 
_software.dependencies 
_software.hardware 
_software.language 
_software.location 
_software.mods 
_software.name 
_software.os 
_software.os_version 
_software.type 
_software.version 
_software.pdbx_ordinal 
? refinement       ? ? ? ? ? ? ? ? ? ? ? PHENIX  ? ? ? '(1.14rc3_3199: ???)' 1 
? 'data reduction' ? ? ? ? ? ? ? ? ? ? ? XDS     ? ? ? .                     2 
? 'data scaling'   ? ? ? ? ? ? ? ? ? ? ? Aimless ? ? ? .                     3 
? phasing          ? ? ? ? ? ? ? ? ? ? ? AutoSol ? ? ? .                     4 
# 
_cell.angle_alpha                  90.00 
_cell.angle_alpha_esd              ? 
_cell.angle_beta                   90.00 
_cell.angle_beta_esd               ? 
_cell.angle_gamma                  90.00 
_cell.angle_gamma_esd              ? 
_cell.entry_id                     6ROR 
_cell.details                      ? 
_cell.formula_units_Z              ? 
_cell.length_a                     38.473 
_cell.length_a_esd                 ? 
_cell.length_b                     38.473 
_cell.length_b_esd                 ? 
_cell.length_c                     90.783 
_cell.length_c_esd                 ? 
_cell.volume                       ? 
_cell.volume_esd                   ? 
_cell.Z_PDB                        8 
_cell.reciprocal_angle_alpha       ? 
_cell.reciprocal_angle_beta        ? 
_cell.reciprocal_angle_gamma       ? 
_cell.reciprocal_angle_alpha_esd   ? 
_cell.reciprocal_angle_beta_esd    ? 
_cell.reciprocal_angle_gamma_esd   ? 
_cell.reciprocal_length_a          ? 
_cell.reciprocal_length_b          ? 
_cell.reciprocal_length_c          ? 
_cell.reciprocal_length_a_esd      ? 
_cell.reciprocal_length_b_esd      ? 
_cell.reciprocal_length_c_esd      ? 
_cell.pdbx_unique_axis             ? 
# 
_symmetry.entry_id                         6ROR 
_symmetry.cell_setting                     ? 
_symmetry.Int_Tables_number                96 
_symmetry.space_group_name_Hall            ? 
_symmetry.space_group_name_H-M             'P 43 21 2' 
_symmetry.pdbx_full_space_group_name_H-M   ? 
# 
_exptl.absorpt_coefficient_mu     ? 
_exptl.absorpt_correction_T_max   ? 
_exptl.absorpt_correction_T_min   ? 
_exptl.absorpt_correction_type    ? 
_exptl.absorpt_process_details    ? 
_exptl.entry_id                   6ROR 
_exptl.crystals_number            1 
_exptl.details                    ? 
_exptl.method                     'X-RAY DIFFRACTION' 
_exptl.method_details             ? 
# 
_exptl_crystal.colour                      ? 
_exptl_crystal.density_diffrn              ? 
_exptl_crystal.density_Matthews            3.01 
_exptl_crystal.density_method              ? 
_exptl_crystal.density_percent_sol         59.18 
_exptl_crystal.description                 ? 
_exptl_crystal.F_000                       ? 
_exptl_crystal.id                          1 
_exptl_crystal.preparation                 ? 
_exptl_crystal.size_max                    ? 
_exptl_crystal.size_mid                    ? 
_exptl_crystal.size_min                    ? 
_exptl_crystal.size_rad                    ? 
_exptl_crystal.colour_lustre               ? 
_exptl_crystal.colour_modifier             ? 
_exptl_crystal.colour_primary              ? 
_exptl_crystal.density_meas                ? 
_exptl_crystal.density_meas_esd            ? 
_exptl_crystal.density_meas_gt             ? 
_exptl_crystal.density_meas_lt             ? 
_exptl_crystal.density_meas_temp           ? 
_exptl_crystal.density_meas_temp_esd       ? 
_exptl_crystal.density_meas_temp_gt        ? 
_exptl_crystal.density_meas_temp_lt        ? 
_exptl_crystal.pdbx_crystal_image_url      ? 
_exptl_crystal.pdbx_crystal_image_format   ? 
_exptl_crystal.pdbx_mosaicity              ? 
_exptl_crystal.pdbx_mosaicity_esd          ? 
# 
_exptl_crystal_grow.apparatus       ? 
_exptl_crystal_grow.atmosphere      ? 
_exptl_crystal_grow.crystal_id      1 
_exptl_crystal_grow.details         ? 
_exptl_crystal_grow.method          'VAPOR DIFFUSION, HANGING DROP' 
_exptl_crystal_grow.method_ref      ? 
_exptl_crystal_grow.pH              7.0 
_exptl_crystal_grow.pressure        ? 
_exptl_crystal_grow.pressure_esd    ? 
_exptl_crystal_grow.seeding         ? 
_exptl_crystal_grow.seeding_ref     ? 
_exptl_crystal_grow.temp            297 
_exptl_crystal_grow.temp_details    ? 
_exptl_crystal_grow.temp_esd        ? 
_exptl_crystal_grow.time            ? 
_exptl_crystal_grow.pdbx_details    
;Natrix crystallization screen (Hampton Research)
precipitant 22-26% (+/-)-2-Methyl-2,4-pentanediol
buffer 0.04 M Sodium cacodylate trihydrate
salt 0.04 M Magnezium chloride hexahydrate
0.08 M Strontium chloride hexahydrate
additive 0.012 M spermine tetrahydrochloride
;
_exptl_crystal_grow.pdbx_pH_range   ? 
# 
_diffrn.ambient_environment              ? 
_diffrn.ambient_temp                     100 
_diffrn.ambient_temp_details             ? 
_diffrn.ambient_temp_esd                 ? 
_diffrn.crystal_id                       1 
_diffrn.crystal_support                  ? 
_diffrn.crystal_treatment                ? 
_diffrn.details                          ? 
_diffrn.id                               1 
_diffrn.ambient_pressure                 ? 
_diffrn.ambient_pressure_esd             ? 
_diffrn.ambient_pressure_gt              ? 
_diffrn.ambient_pressure_lt              ? 
_diffrn.ambient_temp_gt                  ? 
_diffrn.ambient_temp_lt                  ? 
_diffrn.pdbx_serial_crystal_experiment   N 
# 
_diffrn_detector.details                      ? 
_diffrn_detector.detector                     PIXEL 
_diffrn_detector.diffrn_id                    1 
_diffrn_detector.type                         'DECTRIS PILATUS 2M' 
_diffrn_detector.area_resol_mean              ? 
_diffrn_detector.dtime                        ? 
_diffrn_detector.pdbx_frames_total            ? 
_diffrn_detector.pdbx_collection_time_total   ? 
_diffrn_detector.pdbx_collection_date         2018-03-08 
_diffrn_detector.pdbx_frequency               ? 
# 
_diffrn_radiation.collimation                      ? 
_diffrn_radiation.diffrn_id                        1 
_diffrn_radiation.filter_edge                      ? 
_diffrn_radiation.inhomogeneity                    ? 
_diffrn_radiation.monochromator                    'SI(111)' 
_diffrn_radiation.polarisn_norm                    ? 
_diffrn_radiation.polarisn_ratio                   ? 
_diffrn_radiation.probe                            ? 
_diffrn_radiation.type                             ? 
_diffrn_radiation.xray_symbol                      ? 
_diffrn_radiation.wavelength_id                    1 
_diffrn_radiation.pdbx_monochromatic_or_laue_m_l   M 
_diffrn_radiation.pdbx_wavelength_list             ? 
_diffrn_radiation.pdbx_wavelength                  ? 
_diffrn_radiation.pdbx_diffrn_protocol             'SINGLE WAVELENGTH' 
_diffrn_radiation.pdbx_analyzer                    ? 
_diffrn_radiation.pdbx_scattering_type             x-ray 
# 
_diffrn_radiation_wavelength.id           1 
_diffrn_radiation_wavelength.wavelength   0.91983 
_diffrn_radiation_wavelength.wt           1.0 
# 
_diffrn_source.current                     ? 
_diffrn_source.details                     ? 
_diffrn_source.diffrn_id                   1 
_diffrn_source.power                       ? 
_diffrn_source.size                        ? 
_diffrn_source.source                      SYNCHROTRON 
_diffrn_source.target                      ? 
_diffrn_source.type                        'BESSY BEAMLINE 14.2' 
_diffrn_source.voltage                     ? 
_diffrn_source.take-off_angle              ? 
_diffrn_source.pdbx_wavelength_list        0.91983 
_diffrn_source.pdbx_wavelength             ? 
_diffrn_source.pdbx_synchrotron_beamline   14.2 
_diffrn_source.pdbx_synchrotron_site       BESSY 
# 
_reflns.B_iso_Wilson_estimate            89 
_reflns.entry_id                         6ROR 
_reflns.data_reduction_details           ? 
_reflns.data_reduction_method            ? 
_reflns.d_resolution_high                2.6 
_reflns.d_resolution_low                 45.39 
_reflns.details                          ? 
_reflns.limit_h_max                      ? 
_reflns.limit_h_min                      ? 
_reflns.limit_k_max                      ? 
_reflns.limit_k_min                      ? 
_reflns.limit_l_max                      ? 
_reflns.limit_l_min                      ? 
_reflns.number_all                       ? 
_reflns.number_obs                       2401 
_reflns.observed_criterion               ? 
_reflns.observed_criterion_F_max         ? 
_reflns.observed_criterion_F_min         ? 
_reflns.observed_criterion_I_max         ? 
_reflns.observed_criterion_I_min         ? 
_reflns.observed_criterion_sigma_F       ? 
_reflns.observed_criterion_sigma_I       ? 
_reflns.percent_possible_obs             100 
_reflns.R_free_details                   ? 
_reflns.Rmerge_F_all                     ? 
_reflns.Rmerge_F_obs                     ? 
_reflns.Friedel_coverage                 ? 
_reflns.number_gt                        ? 
_reflns.threshold_expression             ? 
_reflns.pdbx_redundancy                  22.5 
_reflns.pdbx_Rmerge_I_obs                0.056 
_reflns.pdbx_Rmerge_I_all                ? 
_reflns.pdbx_Rsym_value                  ? 
_reflns.pdbx_netI_over_av_sigmaI         ? 
_reflns.pdbx_netI_over_sigmaI            26.7 
_reflns.pdbx_res_netI_over_av_sigmaI_2   ? 
_reflns.pdbx_res_netI_over_sigmaI_2      ? 
_reflns.pdbx_chi_squared                 1.02 
_reflns.pdbx_scaling_rejects             ? 
_reflns.pdbx_d_res_high_opt              ? 
_reflns.pdbx_d_res_low_opt               ? 
_reflns.pdbx_d_res_opt_method            ? 
_reflns.phase_calculation_details        ? 
_reflns.pdbx_Rrim_I_all                  0.057 
_reflns.pdbx_Rpim_I_all                  0.013 
_reflns.pdbx_d_opt                       ? 
_reflns.pdbx_number_measured_all         ? 
_reflns.pdbx_diffrn_id                   1 
_reflns.pdbx_ordinal                     1 
_reflns.pdbx_CC_half                     1.00 
_reflns.pdbx_R_split                     ? 
# 
loop_
_reflns_shell.d_res_high 
_reflns_shell.d_res_low 
_reflns_shell.meanI_over_sigI_all 
_reflns_shell.meanI_over_sigI_obs 
_reflns_shell.number_measured_all 
_reflns_shell.number_measured_obs 
_reflns_shell.number_possible 
_reflns_shell.number_unique_all 
_reflns_shell.number_unique_obs 
_reflns_shell.percent_possible_all 
_reflns_shell.percent_possible_obs 
_reflns_shell.Rmerge_F_all 
_reflns_shell.Rmerge_F_obs 
_reflns_shell.Rmerge_I_all 
_reflns_shell.Rmerge_I_obs 
_reflns_shell.meanI_over_sigI_gt 
_reflns_shell.meanI_over_uI_all 
_reflns_shell.meanI_over_uI_gt 
_reflns_shell.number_measured_gt 
_reflns_shell.number_unique_gt 
_reflns_shell.percent_possible_gt 
_reflns_shell.Rmerge_F_gt 
_reflns_shell.Rmerge_I_gt 
_reflns_shell.pdbx_redundancy 
_reflns_shell.pdbx_Rsym_value 
_reflns_shell.pdbx_chi_squared 
_reflns_shell.pdbx_netI_over_sigmaI_all 
_reflns_shell.pdbx_netI_over_sigmaI_obs 
_reflns_shell.pdbx_Rrim_I_all 
_reflns_shell.pdbx_Rpim_I_all 
_reflns_shell.pdbx_rejects 
_reflns_shell.pdbx_ordinal 
_reflns_shell.pdbx_diffrn_id 
_reflns_shell.pdbx_CC_half 
_reflns_shell.pdbx_R_split 
2.60 2.72  ? 1.4  ? ? ? ? 276 100  ? ? ? ? 2.902 ? ? ? ? ? ? ? ? 24.3 ? 1.00 ? ? 2.962 0.590 ? 1 1 0.433 ? 
9.01 45.39 ? 56.6 ? ? ? ? 84  99.5 ? ? ? ? 0.044 ? ? ? ? ? ? ? ? 16.5 ? 1.06 ? ? 0.046 0.012 ? 2 1 1.00  ? 
# 
_refine.aniso_B[1][1]                            ? 
_refine.aniso_B[1][2]                            ? 
_refine.aniso_B[1][3]                            ? 
_refine.aniso_B[2][2]                            ? 
_refine.aniso_B[2][3]                            ? 
_refine.aniso_B[3][3]                            ? 
_refine.B_iso_max                                ? 
_refine.B_iso_mean                               120 
_refine.B_iso_min                                ? 
_refine.correlation_coeff_Fo_to_Fc               ? 
_refine.correlation_coeff_Fo_to_Fc_free          ? 
_refine.details                                  ? 
_refine.diff_density_max                         ? 
_refine.diff_density_max_esd                     ? 
_refine.diff_density_min                         ? 
_refine.diff_density_min_esd                     ? 
_refine.diff_density_rms                         ? 
_refine.diff_density_rms_esd                     ? 
_refine.entry_id                                 6ROR 
_refine.pdbx_refine_id                           'X-RAY DIFFRACTION' 
_refine.ls_abs_structure_details                 ? 
_refine.ls_abs_structure_Flack                   ? 
_refine.ls_abs_structure_Flack_esd               ? 
_refine.ls_abs_structure_Rogers                  ? 
_refine.ls_abs_structure_Rogers_esd              ? 
_refine.ls_d_res_high                            2.601 
_refine.ls_d_res_low                             35.423 
_refine.ls_extinction_coef                       ? 
_refine.ls_extinction_coef_esd                   ? 
_refine.ls_extinction_expression                 ? 
_refine.ls_extinction_method                     ? 
_refine.ls_goodness_of_fit_all                   ? 
_refine.ls_goodness_of_fit_all_esd               ? 
_refine.ls_goodness_of_fit_obs                   ? 
_refine.ls_goodness_of_fit_obs_esd               ? 
_refine.ls_hydrogen_treatment                    ? 
_refine.ls_matrix_type                           ? 
_refine.ls_number_constraints                    ? 
_refine.ls_number_parameters                     ? 
_refine.ls_number_reflns_all                     ? 
_refine.ls_number_reflns_obs                     2367 
_refine.ls_number_reflns_R_free                  108 
_refine.ls_number_reflns_R_work                  ? 
_refine.ls_number_restraints                     ? 
_refine.ls_percent_reflns_obs                    99.9 
_refine.ls_percent_reflns_R_free                 4.6 
_refine.ls_R_factor_all                          ? 
_refine.ls_R_factor_obs                          0.2385 
_refine.ls_R_factor_R_free                       0.3033 
_refine.ls_R_factor_R_free_error                 ? 
_refine.ls_R_factor_R_free_error_details         ? 
_refine.ls_R_factor_R_work                       0.2309 
_refine.ls_R_Fsqd_factor_obs                     ? 
_refine.ls_R_I_factor_obs                        ? 
_refine.ls_redundancy_reflns_all                 ? 
_refine.ls_redundancy_reflns_obs                 ? 
_refine.ls_restrained_S_all                      ? 
_refine.ls_restrained_S_obs                      ? 
_refine.ls_shift_over_esd_max                    ? 
_refine.ls_shift_over_esd_mean                   ? 
_refine.ls_structure_factor_coef                 ? 
_refine.ls_weighting_details                     ? 
_refine.ls_weighting_scheme                      ? 
_refine.ls_wR_factor_all                         ? 
_refine.ls_wR_factor_obs                         ? 
_refine.ls_wR_factor_R_free                      ? 
_refine.ls_wR_factor_R_work                      ? 
_refine.occupancy_max                            ? 
_refine.occupancy_min                            ? 
_refine.solvent_model_details                    ? 
_refine.solvent_model_param_bsol                 ? 
_refine.solvent_model_param_ksol                 ? 
_refine.ls_R_factor_gt                           ? 
_refine.ls_goodness_of_fit_gt                    ? 
_refine.ls_goodness_of_fit_ref                   ? 
_refine.ls_shift_over_su_max                     ? 
_refine.ls_shift_over_su_max_lt                  ? 
_refine.ls_shift_over_su_mean                    ? 
_refine.ls_shift_over_su_mean_lt                 ? 
_refine.pdbx_ls_sigma_I                          ? 
_refine.pdbx_ls_sigma_F                          ? 
_refine.pdbx_ls_sigma_Fsqd                       ? 
_refine.pdbx_data_cutoff_high_absF               ? 
_refine.pdbx_data_cutoff_high_rms_absF           ? 
_refine.pdbx_data_cutoff_low_absF                ? 
_refine.pdbx_isotropic_thermal_model             ? 
_refine.pdbx_ls_cross_valid_method               'FREE R-VALUE' 
_refine.pdbx_method_to_determine_struct          SAD 
_refine.pdbx_starting_model                      ? 
_refine.pdbx_stereochemistry_target_values       ? 
_refine.pdbx_R_Free_selection_details            'Random selection' 
_refine.pdbx_stereochem_target_val_spec_case     ? 
_refine.pdbx_overall_ESU_R                       ? 
_refine.pdbx_overall_ESU_R_Free                  ? 
_refine.pdbx_solvent_vdw_probe_radii             1.11 
_refine.pdbx_solvent_ion_probe_radii             ? 
_refine.pdbx_solvent_shrinkage_radii             0.90 
_refine.pdbx_real_space_R                        ? 
_refine.pdbx_density_correlation                 ? 
_refine.pdbx_pd_number_of_powder_patterns        ? 
_refine.pdbx_pd_number_of_points                 ? 
_refine.pdbx_pd_meas_number_of_points            ? 
_refine.pdbx_pd_proc_ls_prof_R_factor            ? 
_refine.pdbx_pd_proc_ls_prof_wR_factor           ? 
_refine.pdbx_pd_Marquardt_correlation_coeff      ? 
_refine.pdbx_pd_Fsqrd_R_factor                   ? 
_refine.pdbx_pd_ls_matrix_band_width             ? 
_refine.pdbx_overall_phase_error                 39.19 
_refine.pdbx_overall_SU_R_free_Cruickshank_DPI   ? 
_refine.pdbx_overall_SU_R_free_Blow_DPI          ? 
_refine.pdbx_overall_SU_R_Blow_DPI               ? 
_refine.pdbx_TLS_residual_ADP_flag               ? 
_refine.pdbx_diffrn_id                           1 
_refine.overall_SU_B                             ? 
_refine.overall_SU_ML                            0.63 
_refine.overall_SU_R_Cruickshank_DPI             ? 
_refine.overall_SU_R_free                        ? 
_refine.overall_FOM_free_R_set                   ? 
_refine.overall_FOM_work_R_set                   ? 
_refine.pdbx_average_fsc_overall                 ? 
_refine.pdbx_average_fsc_work                    ? 
_refine.pdbx_average_fsc_free                    ? 
# 
_refine_hist.pdbx_refine_id                   'X-RAY DIFFRACTION' 
_refine_hist.cycle_id                         LAST 
_refine_hist.details                          ? 
_refine_hist.d_res_high                       2.601 
_refine_hist.d_res_low                        35.423 
_refine_hist.number_atoms_solvent             0 
_refine_hist.number_atoms_total               367 
_refine_hist.number_reflns_all                ? 
_refine_hist.number_reflns_obs                ? 
_refine_hist.number_reflns_R_free             ? 
_refine_hist.number_reflns_R_work             ? 
_refine_hist.R_factor_all                     ? 
_refine_hist.R_factor_obs                     ? 
_refine_hist.R_factor_R_free                  ? 
_refine_hist.R_factor_R_work                  ? 
_refine_hist.pdbx_number_residues_total       ? 
_refine_hist.pdbx_B_iso_mean_ligand           ? 
_refine_hist.pdbx_B_iso_mean_solvent          ? 
_refine_hist.pdbx_number_atoms_protein        0 
_refine_hist.pdbx_number_atoms_nucleic_acid   365 
_refine_hist.pdbx_number_atoms_ligand         2 
_refine_hist.pdbx_number_atoms_lipid          ? 
_refine_hist.pdbx_number_atoms_carb           ? 
_refine_hist.pdbx_pseudo_atom_details         ? 
# 
loop_
_refine_ls_restr.pdbx_refine_id 
_refine_ls_restr.criterion 
_refine_ls_restr.dev_ideal 
_refine_ls_restr.dev_ideal_target 
_refine_ls_restr.number 
_refine_ls_restr.rejects 
_refine_ls_restr.type 
_refine_ls_restr.weight 
_refine_ls_restr.pdbx_restraint_function 
'X-RAY DIFFRACTION' ? 0.010  ? 408 ? f_bond_d           ? ? 
'X-RAY DIFFRACTION' ? 1.210  ? 628 ? f_angle_d          ? ? 
'X-RAY DIFFRACTION' ? 24.815 ? 177 ? f_dihedral_angle_d ? ? 
'X-RAY DIFFRACTION' ? 0.049  ? 70  ? f_chiral_restr     ? ? 
'X-RAY DIFFRACTION' ? 0.005  ? 18  ? f_plane_restr      ? ? 
# 
_refine_ls_shell.pdbx_refine_id                   'X-RAY DIFFRACTION' 
_refine_ls_shell.d_res_high                       2.6 
_refine_ls_shell.d_res_low                        ? 
_refine_ls_shell.number_reflns_all                ? 
_refine_ls_shell.number_reflns_obs                ? 
_refine_ls_shell.number_reflns_R_free             ? 
_refine_ls_shell.number_reflns_R_work             ? 
_refine_ls_shell.percent_reflns_obs               ? 
_refine_ls_shell.percent_reflns_R_free            ? 
_refine_ls_shell.R_factor_all                     ? 
_refine_ls_shell.R_factor_obs                     ? 
_refine_ls_shell.R_factor_R_free                  ? 
_refine_ls_shell.R_factor_R_free_error            ? 
_refine_ls_shell.R_factor_R_work                  ? 
_refine_ls_shell.redundancy_reflns_all            ? 
_refine_ls_shell.redundancy_reflns_obs            ? 
_refine_ls_shell.wR_factor_all                    ? 
_refine_ls_shell.wR_factor_obs                    ? 
_refine_ls_shell.wR_factor_R_free                 ? 
_refine_ls_shell.wR_factor_R_work                 ? 
_refine_ls_shell.pdbx_total_number_of_bins_used   ? 
_refine_ls_shell.pdbx_phase_error                 ? 
_refine_ls_shell.pdbx_fsc_work                    ? 
_refine_ls_shell.pdbx_fsc_free                    ? 
# 
_struct.entry_id                     6ROR 
_struct.title                        'REP related 18-mer DNA' 
_struct.pdbx_model_details           ? 
_struct.pdbx_formula_weight          ? 
_struct.pdbx_formula_weight_method   ? 
_struct.pdbx_model_type_details      ? 
_struct.pdbx_CASP_flag               N 
# 
_struct_keywords.entry_id        6ROR 
_struct_keywords.text            'A-DNA, Duplex, non-canonical pairing, T-T mismatch, REP, DNA, Cardiobacterium hominis' 
_struct_keywords.pdbx_keywords   DNA 
# 
loop_
_struct_asym.id 
_struct_asym.pdbx_blank_PDB_chainid_flag 
_struct_asym.pdbx_modified 
_struct_asym.entity_id 
_struct_asym.details 
A N N 1 ? 
B N N 2 ? 
C N N 2 ? 
# 
_struct_ref.id                         1 
_struct_ref.db_name                    PDB 
_struct_ref.db_code                    6ROR 
_struct_ref.pdbx_db_accession          6ROR 
_struct_ref.pdbx_db_isoform            ? 
_struct_ref.entity_id                  1 
_struct_ref.pdbx_seq_one_letter_code   ? 
_struct_ref.pdbx_align_begin           1 
# 
_struct_ref_seq.align_id                      1 
_struct_ref_seq.ref_id                        1 
_struct_ref_seq.pdbx_PDB_id_code              6ROR 
_struct_ref_seq.pdbx_strand_id                A 
_struct_ref_seq.seq_align_beg                 1 
_struct_ref_seq.pdbx_seq_align_beg_ins_code   ? 
_struct_ref_seq.seq_align_end                 18 
_struct_ref_seq.pdbx_seq_align_end_ins_code   ? 
_struct_ref_seq.pdbx_db_accession             6ROR 
_struct_ref_seq.db_align_beg                  1 
_struct_ref_seq.pdbx_db_align_beg_ins_code    ? 
_struct_ref_seq.db_align_end                  18 
_struct_ref_seq.pdbx_db_align_end_ins_code    ? 
_struct_ref_seq.pdbx_auth_seq_align_beg       1 
_struct_ref_seq.pdbx_auth_seq_align_end       18 
# 
_pdbx_struct_assembly.id                   1 
_pdbx_struct_assembly.details              author_and_software_defined_assembly 
_pdbx_struct_assembly.method_details       PISA 
_pdbx_struct_assembly.oligomeric_details   dimeric 
_pdbx_struct_assembly.oligomeric_count     2 
# 
loop_
_pdbx_struct_assembly_prop.biol_id 
_pdbx_struct_assembly_prop.type 
_pdbx_struct_assembly_prop.value 
_pdbx_struct_assembly_prop.details 
1 'ABSA (A^2)' 3900 ? 
1 MORE         -114 ? 
1 'SSA (A^2)'  5690 ? 
# 
_pdbx_struct_assembly_gen.assembly_id       1 
_pdbx_struct_assembly_gen.oper_expression   1,2 
_pdbx_struct_assembly_gen.asym_id_list      A,B,C 
# 
_pdbx_struct_assembly_auth_evidence.id                     1 
_pdbx_struct_assembly_auth_evidence.assembly_id            1 
_pdbx_struct_assembly_auth_evidence.experimental_support   none 
_pdbx_struct_assembly_auth_evidence.details                ? 
# 
loop_
_pdbx_struct_oper_list.id 
_pdbx_struct_oper_list.type 
_pdbx_struct_oper_list.name 
_pdbx_struct_oper_list.symmetry_operation 
_pdbx_struct_oper_list.matrix[1][1] 
_pdbx_struct_oper_list.matrix[1][2] 
_pdbx_struct_oper_list.matrix[1][3] 
_pdbx_struct_oper_list.vector[1] 
_pdbx_struct_oper_list.matrix[2][1] 
_pdbx_struct_oper_list.matrix[2][2] 
_pdbx_struct_oper_list.matrix[2][3] 
_pdbx_struct_oper_list.vector[2] 
_pdbx_struct_oper_list.matrix[3][1] 
_pdbx_struct_oper_list.matrix[3][2] 
_pdbx_struct_oper_list.matrix[3][3] 
_pdbx_struct_oper_list.vector[3] 
1 'identity operation'         1_555 x,y,z      1.0000000000  0.0000000000  0.0000000000  0.0000000000  0.0000000000  1.0000000000  0.0000000000 0.0000000000  0.0000000000  0.0000000000 1.0000000000  0.0000000000  
2 'crystal symmetry operation' 7_465 y-1,x+1,-z -0.1978258929 -0.6864578833 -0.6997431604 -2.4424520550 -0.6864578833 -0.4125658988 0.5988029338 -1.1196461117 -0.6997431604 0.5988029338 -0.3896082083 -1.7015984775 
# 
loop_
_struct_conn.id 
_struct_conn.conn_type_id 
_struct_conn.pdbx_leaving_atom_flag 
_struct_conn.pdbx_PDB_id 
_struct_conn.ptnr1_label_asym_id 
_struct_conn.ptnr1_label_comp_id 
_struct_conn.ptnr1_label_seq_id 
_struct_conn.ptnr1_label_atom_id 
_struct_conn.pdbx_ptnr1_label_alt_id 
_struct_conn.pdbx_ptnr1_PDB_ins_code 
_struct_conn.pdbx_ptnr1_standard_comp_id 
_struct_conn.ptnr1_symmetry 
_struct_conn.ptnr2_label_asym_id 
_struct_conn.ptnr2_label_comp_id 
_struct_conn.ptnr2_label_seq_id 
_struct_conn.ptnr2_label_atom_id 
_struct_conn.pdbx_ptnr2_label_alt_id 
_struct_conn.pdbx_ptnr2_PDB_ins_code 
_struct_conn.ptnr1_auth_asym_id 
_struct_conn.ptnr1_auth_comp_id 
_struct_conn.ptnr1_auth_seq_id 
_struct_conn.ptnr2_auth_asym_id 
_struct_conn.ptnr2_auth_comp_id 
_struct_conn.ptnr2_auth_seq_id 
_struct_conn.ptnr2_symmetry 
_struct_conn.pdbx_ptnr3_label_atom_id 
_struct_conn.pdbx_ptnr3_label_seq_id 
_struct_conn.pdbx_ptnr3_label_comp_id 
_struct_conn.pdbx_ptnr3_label_asym_id 
_struct_conn.pdbx_ptnr3_label_alt_id 
_struct_conn.pdbx_ptnr3_PDB_ins_code 
_struct_conn.details 
_struct_conn.pdbx_dist_value 
_struct_conn.pdbx_value_order 
_struct_conn.pdbx_role 
covale1  covale both ? A DC  8  "O3'" ? ? ? 1_555 A BRU 9  P  ? ? A DC  8  A BRU 9   1_555 ? ? ? ? ? ? ?            1.602 ? ? 
covale2  covale both ? A BRU 9  "O3'" ? ? ? 1_555 A DT  10 P  ? ? A BRU 9  A DT  10  1_555 ? ? ? ? ? ? ?            1.605 ? ? 
metalc1  metalc ?    ? A BRU 9  O4    ? ? ? 1_555 B SR  .  SR ? ? A BRU 9  A SR  101 1_555 ? ? ? ? ? ? ?            2.373 ? ? 
metalc2  metalc ?    ? A BRU 9  O4    ? ? ? 1_555 B SR  .  SR ? ? A BRU 9  A SR  101 7_465 ? ? ? ? ? ? ?            2.373 ? ? 
hydrog1  hydrog ?    ? A DG  1  N1    ? ? ? 1_555 A DC  18 N3 ? ? A DG  1  A DC  18  7_465 ? ? ? ? ? ? WATSON-CRICK ?     ? ? 
hydrog2  hydrog ?    ? A DG  1  N2    ? ? ? 1_555 A DC  18 O2 ? ? A DG  1  A DC  18  7_465 ? ? ? ? ? ? WATSON-CRICK ?     ? ? 
hydrog3  hydrog ?    ? A DG  1  O6    ? ? ? 1_555 A DC  18 N4 ? ? A DG  1  A DC  18  7_465 ? ? ? ? ? ? WATSON-CRICK ?     ? ? 
hydrog4  hydrog ?    ? A DG  2  N1    ? ? ? 1_555 A DC  17 N3 ? ? A DG  2  A DC  17  7_465 ? ? ? ? ? ? WATSON-CRICK ?     ? ? 
hydrog5  hydrog ?    ? A DG  2  N2    ? ? ? 1_555 A DC  17 O2 ? ? A DG  2  A DC  17  7_465 ? ? ? ? ? ? WATSON-CRICK ?     ? ? 
hydrog6  hydrog ?    ? A DG  2  O6    ? ? ? 1_555 A DC  17 N4 ? ? A DG  2  A DC  17  7_465 ? ? ? ? ? ? WATSON-CRICK ?     ? ? 
hydrog7  hydrog ?    ? A DT  3  N3    ? ? ? 1_555 A DA  16 N1 ? ? A DT  3  A DA  16  7_465 ? ? ? ? ? ? WATSON-CRICK ?     ? ? 
hydrog8  hydrog ?    ? A DT  3  O4    ? ? ? 1_555 A DA  16 N6 ? ? A DT  3  A DA  16  7_465 ? ? ? ? ? ? WATSON-CRICK ?     ? ? 
hydrog9  hydrog ?    ? A DG  4  N1    ? ? ? 1_555 A DC  15 N3 ? ? A DG  4  A DC  15  7_465 ? ? ? ? ? ? WATSON-CRICK ?     ? ? 
hydrog10 hydrog ?    ? A DG  4  N2    ? ? ? 1_555 A DC  15 O2 ? ? A DG  4  A DC  15  7_465 ? ? ? ? ? ? WATSON-CRICK ?     ? ? 
hydrog11 hydrog ?    ? A DG  4  O6    ? ? ? 1_555 A DC  15 N4 ? ? A DG  4  A DC  15  7_465 ? ? ? ? ? ? WATSON-CRICK ?     ? ? 
hydrog12 hydrog ?    ? A DG  5  N1    ? ? ? 1_555 A DC  14 N3 ? ? A DG  5  A DC  14  7_465 ? ? ? ? ? ? WATSON-CRICK ?     ? ? 
hydrog13 hydrog ?    ? A DG  5  N2    ? ? ? 1_555 A DC  14 O2 ? ? A DG  5  A DC  14  7_465 ? ? ? ? ? ? WATSON-CRICK ?     ? ? 
hydrog14 hydrog ?    ? A DG  5  O6    ? ? ? 1_555 A DC  14 N4 ? ? A DG  5  A DC  14  7_465 ? ? ? ? ? ? WATSON-CRICK ?     ? ? 
hydrog15 hydrog ?    ? A DG  6  N1    ? ? ? 1_555 A DC  13 N3 ? ? A DG  6  A DC  13  7_465 ? ? ? ? ? ? WATSON-CRICK ?     ? ? 
hydrog16 hydrog ?    ? A DG  6  N2    ? ? ? 1_555 A DC  13 O2 ? ? A DG  6  A DC  13  7_465 ? ? ? ? ? ? WATSON-CRICK ?     ? ? 
hydrog17 hydrog ?    ? A DG  6  O6    ? ? ? 1_555 A DC  13 N4 ? ? A DG  6  A DC  13  7_465 ? ? ? ? ? ? WATSON-CRICK ?     ? ? 
hydrog18 hydrog ?    ? A DG  7  N1    ? ? ? 1_555 A DC  12 N3 ? ? A DG  7  A DC  12  7_465 ? ? ? ? ? ? WATSON-CRICK ?     ? ? 
hydrog19 hydrog ?    ? A DG  7  N2    ? ? ? 1_555 A DC  12 O2 ? ? A DG  7  A DC  12  7_465 ? ? ? ? ? ? WATSON-CRICK ?     ? ? 
hydrog20 hydrog ?    ? A DG  7  O6    ? ? ? 1_555 A DC  12 N4 ? ? A DG  7  A DC  12  7_465 ? ? ? ? ? ? WATSON-CRICK ?     ? ? 
hydrog21 hydrog ?    ? A DC  8  N3    ? ? ? 1_555 A DG  11 N1 ? ? A DC  8  A DG  11  7_465 ? ? ? ? ? ? WATSON-CRICK ?     ? ? 
hydrog22 hydrog ?    ? A DC  8  N4    ? ? ? 1_555 A DG  11 O6 ? ? A DC  8  A DG  11  7_465 ? ? ? ? ? ? WATSON-CRICK ?     ? ? 
hydrog23 hydrog ?    ? A DC  8  O2    ? ? ? 1_555 A DG  11 N2 ? ? A DC  8  A DG  11  7_465 ? ? ? ? ? ? WATSON-CRICK ?     ? ? 
hydrog24 hydrog ?    ? A BRU 9  N3    ? ? ? 1_555 A DT  10 O4 ? ? A BRU 9  A DT  10  7_465 ? ? ? ? ? ? TYPE_16_PAIR ?     ? ? 
hydrog25 hydrog ?    ? A BRU 9  O2    ? ? ? 1_555 A DT  10 N3 ? ? A BRU 9  A DT  10  7_465 ? ? ? ? ? ? TYPE_16_PAIR ?     ? ? 
hydrog26 hydrog ?    ? A DT  10 N3    ? ? ? 1_555 A BRU 9  O2 ? ? A DT  10 A BRU 9   7_465 ? ? ? ? ? ? TYPE_16_PAIR ?     ? ? 
hydrog27 hydrog ?    ? A DT  10 O4    ? ? ? 1_555 A BRU 9  N3 ? ? A DT  10 A BRU 9   7_465 ? ? ? ? ? ? TYPE_16_PAIR ?     ? ? 
hydrog28 hydrog ?    ? A DG  11 N1    ? ? ? 1_555 A DC  8  N3 ? ? A DG  11 A DC  8   7_465 ? ? ? ? ? ? WATSON-CRICK ?     ? ? 
hydrog29 hydrog ?    ? A DG  11 N2    ? ? ? 1_555 A DC  8  O2 ? ? A DG  11 A DC  8   7_465 ? ? ? ? ? ? WATSON-CRICK ?     ? ? 
hydrog30 hydrog ?    ? A DG  11 O6    ? ? ? 1_555 A DC  8  N4 ? ? A DG  11 A DC  8   7_465 ? ? ? ? ? ? WATSON-CRICK ?     ? ? 
hydrog31 hydrog ?    ? A DC  12 N3    ? ? ? 1_555 A DG  7  N1 ? ? A DC  12 A DG  7   7_465 ? ? ? ? ? ? WATSON-CRICK ?     ? ? 
hydrog32 hydrog ?    ? A DC  12 N4    ? ? ? 1_555 A DG  7  O6 ? ? A DC  12 A DG  7   7_465 ? ? ? ? ? ? WATSON-CRICK ?     ? ? 
hydrog33 hydrog ?    ? A DC  12 O2    ? ? ? 1_555 A DG  7  N2 ? ? A DC  12 A DG  7   7_465 ? ? ? ? ? ? WATSON-CRICK ?     ? ? 
hydrog34 hydrog ?    ? A DC  13 N3    ? ? ? 1_555 A DG  6  N1 ? ? A DC  13 A DG  6   7_465 ? ? ? ? ? ? WATSON-CRICK ?     ? ? 
hydrog35 hydrog ?    ? A DC  13 N4    ? ? ? 1_555 A DG  6  O6 ? ? A DC  13 A DG  6   7_465 ? ? ? ? ? ? WATSON-CRICK ?     ? ? 
hydrog36 hydrog ?    ? A DC  13 O2    ? ? ? 1_555 A DG  6  N2 ? ? A DC  13 A DG  6   7_465 ? ? ? ? ? ? WATSON-CRICK ?     ? ? 
hydrog37 hydrog ?    ? A DC  14 N3    ? ? ? 1_555 A DG  5  N1 ? ? A DC  14 A DG  5   7_465 ? ? ? ? ? ? WATSON-CRICK ?     ? ? 
hydrog38 hydrog ?    ? A DC  14 N4    ? ? ? 1_555 A DG  5  O6 ? ? A DC  14 A DG  5   7_465 ? ? ? ? ? ? WATSON-CRICK ?     ? ? 
hydrog39 hydrog ?    ? A DC  14 O2    ? ? ? 1_555 A DG  5  N2 ? ? A DC  14 A DG  5   7_465 ? ? ? ? ? ? WATSON-CRICK ?     ? ? 
hydrog40 hydrog ?    ? A DC  15 N3    ? ? ? 1_555 A DG  4  N1 ? ? A DC  15 A DG  4   7_465 ? ? ? ? ? ? WATSON-CRICK ?     ? ? 
hydrog41 hydrog ?    ? A DC  15 N4    ? ? ? 1_555 A DG  4  O6 ? ? A DC  15 A DG  4   7_465 ? ? ? ? ? ? WATSON-CRICK ?     ? ? 
hydrog42 hydrog ?    ? A DC  15 O2    ? ? ? 1_555 A DG  4  N2 ? ? A DC  15 A DG  4   7_465 ? ? ? ? ? ? WATSON-CRICK ?     ? ? 
hydrog43 hydrog ?    ? A DA  16 N1    ? ? ? 1_555 A DT  3  N3 ? ? A DA  16 A DT  3   7_465 ? ? ? ? ? ? WATSON-CRICK ?     ? ? 
hydrog44 hydrog ?    ? A DA  16 N6    ? ? ? 1_555 A DT  3  O4 ? ? A DA  16 A DT  3   7_465 ? ? ? ? ? ? WATSON-CRICK ?     ? ? 
hydrog45 hydrog ?    ? A DC  17 N3    ? ? ? 1_555 A DG  2  N1 ? ? A DC  17 A DG  2   7_465 ? ? ? ? ? ? WATSON-CRICK ?     ? ? 
hydrog46 hydrog ?    ? A DC  17 N4    ? ? ? 1_555 A DG  2  O6 ? ? A DC  17 A DG  2   7_465 ? ? ? ? ? ? WATSON-CRICK ?     ? ? 
hydrog47 hydrog ?    ? A DC  17 O2    ? ? ? 1_555 A DG  2  N2 ? ? A DC  17 A DG  2   7_465 ? ? ? ? ? ? WATSON-CRICK ?     ? ? 
hydrog48 hydrog ?    ? A DC  18 N3    ? ? ? 1_555 A DG  1  N1 ? ? A DC  18 A DG  1   7_465 ? ? ? ? ? ? WATSON-CRICK ?     ? ? 
hydrog49 hydrog ?    ? A DC  18 N4    ? ? ? 1_555 A DG  1  O6 ? ? A DC  18 A DG  1   7_465 ? ? ? ? ? ? WATSON-CRICK ?     ? ? 
hydrog50 hydrog ?    ? A DC  18 O2    ? ? ? 1_555 A DG  1  N2 ? ? A DC  18 A DG  1   7_465 ? ? ? ? ? ? WATSON-CRICK ?     ? ? 
# 
loop_
_struct_conn_type.id 
_struct_conn_type.criteria 
_struct_conn_type.reference 
covale ? ? 
metalc ? ? 
hydrog ? ? 
# 
_pdbx_struct_conn_angle.id                    1 
_pdbx_struct_conn_angle.ptnr1_label_atom_id   O4 
_pdbx_struct_conn_angle.ptnr1_label_alt_id    ? 
_pdbx_struct_conn_angle.ptnr1_label_asym_id   A 
_pdbx_struct_conn_angle.ptnr1_label_comp_id   BRU 
_pdbx_struct_conn_angle.ptnr1_label_seq_id    9 
_pdbx_struct_conn_angle.ptnr1_auth_atom_id    ? 
_pdbx_struct_conn_angle.ptnr1_auth_asym_id    A 
_pdbx_struct_conn_angle.ptnr1_auth_comp_id    BRU 
_pdbx_struct_conn_angle.ptnr1_auth_seq_id     9 
_pdbx_struct_conn_angle.ptnr1_PDB_ins_code    ? 
_pdbx_struct_conn_angle.ptnr1_symmetry        1_555 
_pdbx_struct_conn_angle.ptnr2_label_atom_id   SR 
_pdbx_struct_conn_angle.ptnr2_label_alt_id    ? 
_pdbx_struct_conn_angle.ptnr2_label_asym_id   B 
_pdbx_struct_conn_angle.ptnr2_label_comp_id   SR 
_pdbx_struct_conn_angle.ptnr2_label_seq_id    . 
_pdbx_struct_conn_angle.ptnr2_auth_atom_id    ? 
_pdbx_struct_conn_angle.ptnr2_auth_asym_id    A 
_pdbx_struct_conn_angle.ptnr2_auth_comp_id    SR 
_pdbx_struct_conn_angle.ptnr2_auth_seq_id     101 
_pdbx_struct_conn_angle.ptnr2_PDB_ins_code    ? 
_pdbx_struct_conn_angle.ptnr2_symmetry        1_555 
_pdbx_struct_conn_angle.ptnr3_label_atom_id   O4 
_pdbx_struct_conn_angle.ptnr3_label_alt_id    ? 
_pdbx_struct_conn_angle.ptnr3_label_asym_id   A 
_pdbx_struct_conn_angle.ptnr3_label_comp_id   BRU 
_pdbx_struct_conn_angle.ptnr3_label_seq_id    9 
_pdbx_struct_conn_angle.ptnr3_auth_atom_id    ? 
_pdbx_struct_conn_angle.ptnr3_auth_asym_id    A 
_pdbx_struct_conn_angle.ptnr3_auth_comp_id    BRU 
_pdbx_struct_conn_angle.ptnr3_auth_seq_id     9 
_pdbx_struct_conn_angle.ptnr3_PDB_ins_code    ? 
_pdbx_struct_conn_angle.ptnr3_symmetry        1_555 
_pdbx_struct_conn_angle.value                 0.0 
_pdbx_struct_conn_angle.value_esd             ? 
# 
loop_
_struct_site.id 
_struct_site.pdbx_evidence_code 
_struct_site.pdbx_auth_asym_id 
_struct_site.pdbx_auth_comp_id 
_struct_site.pdbx_auth_seq_id 
_struct_site.pdbx_auth_ins_code 
_struct_site.pdbx_num_residues 
_struct_site.details 
AC1 Software A SR 101 ? 2 'binding site for residue SR A 101' 
AC2 Software A SR 102 ? 2 'binding site for residue SR A 102' 
# 
loop_
_struct_site_gen.id 
_struct_site_gen.site_id 
_struct_site_gen.pdbx_num_res 
_struct_site_gen.label_comp_id 
_struct_site_gen.label_asym_id 
_struct_site_gen.label_seq_id 
_struct_site_gen.pdbx_auth_ins_code 
_struct_site_gen.auth_comp_id 
_struct_site_gen.auth_asym_id 
_struct_site_gen.auth_seq_id 
_struct_site_gen.label_atom_id 
_struct_site_gen.label_alt_id 
_struct_site_gen.symmetry 
_struct_site_gen.details 
1 AC1 2 BRU A 9 ? BRU A 9 . ? 1_555 ? 
2 AC1 2 BRU A 9 ? BRU A 9 . ? 7_465 ? 
3 AC2 2 DG  A 6 ? DG  A 6 . ? 7_465 ? 
4 AC2 2 DG  A 7 ? DG  A 7 . ? 7_465 ? 
# 
_pdbx_validate_rmsd_bond.id                        1 
_pdbx_validate_rmsd_bond.PDB_model_num             1 
_pdbx_validate_rmsd_bond.auth_atom_id_1            "O3'" 
_pdbx_validate_rmsd_bond.auth_asym_id_1            A 
_pdbx_validate_rmsd_bond.auth_comp_id_1            DA 
_pdbx_validate_rmsd_bond.auth_seq_id_1             16 
_pdbx_validate_rmsd_bond.PDB_ins_code_1            ? 
_pdbx_validate_rmsd_bond.label_alt_id_1            ? 
_pdbx_validate_rmsd_bond.auth_atom_id_2            "C3'" 
_pdbx_validate_rmsd_bond.auth_asym_id_2            A 
_pdbx_validate_rmsd_bond.auth_comp_id_2            DA 
_pdbx_validate_rmsd_bond.auth_seq_id_2             16 
_pdbx_validate_rmsd_bond.PDB_ins_code_2            ? 
_pdbx_validate_rmsd_bond.label_alt_id_2            ? 
_pdbx_validate_rmsd_bond.bond_value                1.380 
_pdbx_validate_rmsd_bond.bond_target_value         1.419 
_pdbx_validate_rmsd_bond.bond_deviation            -0.039 
_pdbx_validate_rmsd_bond.bond_standard_deviation   0.006 
_pdbx_validate_rmsd_bond.linker_flag               N 
# 
_pdbx_validate_rmsd_angle.id                         1 
_pdbx_validate_rmsd_angle.PDB_model_num              1 
_pdbx_validate_rmsd_angle.auth_atom_id_1             "O4'" 
_pdbx_validate_rmsd_angle.auth_asym_id_1             A 
_pdbx_validate_rmsd_angle.auth_comp_id_1             DC 
_pdbx_validate_rmsd_angle.auth_seq_id_1              12 
_pdbx_validate_rmsd_angle.PDB_ins_code_1             ? 
_pdbx_validate_rmsd_angle.label_alt_id_1             ? 
_pdbx_validate_rmsd_angle.auth_atom_id_2             "C1'" 
_pdbx_validate_rmsd_angle.auth_asym_id_2             A 
_pdbx_validate_rmsd_angle.auth_comp_id_2             DC 
_pdbx_validate_rmsd_angle.auth_seq_id_2              12 
_pdbx_validate_rmsd_angle.PDB_ins_code_2             ? 
_pdbx_validate_rmsd_angle.label_alt_id_2             ? 
_pdbx_validate_rmsd_angle.auth_atom_id_3             N1 
_pdbx_validate_rmsd_angle.auth_asym_id_3             A 
_pdbx_validate_rmsd_angle.auth_comp_id_3             DC 
_pdbx_validate_rmsd_angle.auth_seq_id_3              12 
_pdbx_validate_rmsd_angle.PDB_ins_code_3             ? 
_pdbx_validate_rmsd_angle.label_alt_id_3             ? 
_pdbx_validate_rmsd_angle.angle_value                112.70 
_pdbx_validate_rmsd_angle.angle_target_value         108.30 
_pdbx_validate_rmsd_angle.angle_deviation            4.40 
_pdbx_validate_rmsd_angle.angle_standard_deviation   0.30 
_pdbx_validate_rmsd_angle.linker_flag                N 
# 
_pdbx_struct_special_symmetry.id              1 
_pdbx_struct_special_symmetry.PDB_model_num   1 
_pdbx_struct_special_symmetry.auth_asym_id    A 
_pdbx_struct_special_symmetry.auth_comp_id    SR 
_pdbx_struct_special_symmetry.auth_seq_id     101 
_pdbx_struct_special_symmetry.PDB_ins_code    ? 
_pdbx_struct_special_symmetry.label_asym_id   B 
_pdbx_struct_special_symmetry.label_comp_id   SR 
_pdbx_struct_special_symmetry.label_seq_id    . 
# 
loop_
_chem_comp_atom.comp_id 
_chem_comp_atom.atom_id 
_chem_comp_atom.type_symbol 
_chem_comp_atom.pdbx_aromatic_flag 
_chem_comp_atom.pdbx_stereo_config 
_chem_comp_atom.pdbx_ordinal 
BRU N1     N  N N 1   
BRU C2     C  N N 2   
BRU N3     N  N N 3   
BRU C4     C  N N 4   
BRU C5     C  N N 5   
BRU C6     C  N N 6   
BRU O2     O  N N 7   
BRU O4     O  N N 8   
BRU BR     BR N N 9   
BRU "C1'"  C  N R 10  
BRU "C2'"  C  N N 11  
BRU "C3'"  C  N S 12  
BRU "C4'"  C  N R 13  
BRU "O3'"  O  N N 14  
BRU "O4'"  O  N N 15  
BRU "C5'"  C  N N 16  
BRU "O5'"  O  N N 17  
BRU P      P  N N 18  
BRU OP1    O  N N 19  
BRU OP2    O  N N 20  
BRU OP3    O  N N 21  
BRU HN3    H  N N 22  
BRU H6     H  N N 23  
BRU "H1'"  H  N N 24  
BRU "H2'"  H  N N 25  
BRU "H2''" H  N N 26  
BRU "H3'"  H  N N 27  
BRU "H4'"  H  N N 28  
BRU "HO3'" H  N N 29  
BRU "H5'"  H  N N 30  
BRU "H5''" H  N N 31  
BRU HOP2   H  N N 32  
BRU HOP3   H  N N 33  
DA  OP3    O  N N 34  
DA  P      P  N N 35  
DA  OP1    O  N N 36  
DA  OP2    O  N N 37  
DA  "O5'"  O  N N 38  
DA  "C5'"  C  N N 39  
DA  "C4'"  C  N R 40  
DA  "O4'"  O  N N 41  
DA  "C3'"  C  N S 42  
DA  "O3'"  O  N N 43  
DA  "C2'"  C  N N 44  
DA  "C1'"  C  N R 45  
DA  N9     N  Y N 46  
DA  C8     C  Y N 47  
DA  N7     N  Y N 48  
DA  C5     C  Y N 49  
DA  C6     C  Y N 50  
DA  N6     N  N N 51  
DA  N1     N  Y N 52  
DA  C2     C  Y N 53  
DA  N3     N  Y N 54  
DA  C4     C  Y N 55  
DA  HOP3   H  N N 56  
DA  HOP2   H  N N 57  
DA  "H5'"  H  N N 58  
DA  "H5''" H  N N 59  
DA  "H4'"  H  N N 60  
DA  "H3'"  H  N N 61  
DA  "HO3'" H  N N 62  
DA  "H2'"  H  N N 63  
DA  "H2''" H  N N 64  
DA  "H1'"  H  N N 65  
DA  H8     H  N N 66  
DA  H61    H  N N 67  
DA  H62    H  N N 68  
DA  H2     H  N N 69  
DC  OP3    O  N N 70  
DC  P      P  N N 71  
DC  OP1    O  N N 72  
DC  OP2    O  N N 73  
DC  "O5'"  O  N N 74  
DC  "C5'"  C  N N 75  
DC  "C4'"  C  N R 76  
DC  "O4'"  O  N N 77  
DC  "C3'"  C  N S 78  
DC  "O3'"  O  N N 79  
DC  "C2'"  C  N N 80  
DC  "C1'"  C  N R 81  
DC  N1     N  N N 82  
DC  C2     C  N N 83  
DC  O2     O  N N 84  
DC  N3     N  N N 85  
DC  C4     C  N N 86  
DC  N4     N  N N 87  
DC  C5     C  N N 88  
DC  C6     C  N N 89  
DC  HOP3   H  N N 90  
DC  HOP2   H  N N 91  
DC  "H5'"  H  N N 92  
DC  "H5''" H  N N 93  
DC  "H4'"  H  N N 94  
DC  "H3'"  H  N N 95  
DC  "HO3'" H  N N 96  
DC  "H2'"  H  N N 97  
DC  "H2''" H  N N 98  
DC  "H1'"  H  N N 99  
DC  H41    H  N N 100 
DC  H42    H  N N 101 
DC  H5     H  N N 102 
DC  H6     H  N N 103 
DG  OP3    O  N N 104 
DG  P      P  N N 105 
DG  OP1    O  N N 106 
DG  OP2    O  N N 107 
DG  "O5'"  O  N N 108 
DG  "C5'"  C  N N 109 
DG  "C4'"  C  N R 110 
DG  "O4'"  O  N N 111 
DG  "C3'"  C  N S 112 
DG  "O3'"  O  N N 113 
DG  "C2'"  C  N N 114 
DG  "C1'"  C  N R 115 
DG  N9     N  Y N 116 
DG  C8     C  Y N 117 
DG  N7     N  Y N 118 
DG  C5     C  Y N 119 
DG  C6     C  N N 120 
DG  O6     O  N N 121 
DG  N1     N  N N 122 
DG  C2     C  N N 123 
DG  N2     N  N N 124 
DG  N3     N  N N 125 
DG  C4     C  Y N 126 
DG  HOP3   H  N N 127 
DG  HOP2   H  N N 128 
DG  "H5'"  H  N N 129 
DG  "H5''" H  N N 130 
DG  "H4'"  H  N N 131 
DG  "H3'"  H  N N 132 
DG  "HO3'" H  N N 133 
DG  "H2'"  H  N N 134 
DG  "H2''" H  N N 135 
DG  "H1'"  H  N N 136 
DG  H8     H  N N 137 
DG  H1     H  N N 138 
DG  H21    H  N N 139 
DG  H22    H  N N 140 
DT  OP3    O  N N 141 
DT  P      P  N N 142 
DT  OP1    O  N N 143 
DT  OP2    O  N N 144 
DT  "O5'"  O  N N 145 
DT  "C5'"  C  N N 146 
DT  "C4'"  C  N R 147 
DT  "O4'"  O  N N 148 
DT  "C3'"  C  N S 149 
DT  "O3'"  O  N N 150 
DT  "C2'"  C  N N 151 
DT  "C1'"  C  N R 152 
DT  N1     N  N N 153 
DT  C2     C  N N 154 
DT  O2     O  N N 155 
DT  N3     N  N N 156 
DT  C4     C  N N 157 
DT  O4     O  N N 158 
DT  C5     C  N N 159 
DT  C7     C  N N 160 
DT  C6     C  N N 161 
DT  HOP3   H  N N 162 
DT  HOP2   H  N N 163 
DT  "H5'"  H  N N 164 
DT  "H5''" H  N N 165 
DT  "H4'"  H  N N 166 
DT  "H3'"  H  N N 167 
DT  "HO3'" H  N N 168 
DT  "H2'"  H  N N 169 
DT  "H2''" H  N N 170 
DT  "H1'"  H  N N 171 
DT  H3     H  N N 172 
DT  H71    H  N N 173 
DT  H72    H  N N 174 
DT  H73    H  N N 175 
DT  H6     H  N N 176 
SR  SR     SR N N 177 
# 
loop_
_chem_comp_bond.comp_id 
_chem_comp_bond.atom_id_1 
_chem_comp_bond.atom_id_2 
_chem_comp_bond.value_order 
_chem_comp_bond.pdbx_aromatic_flag 
_chem_comp_bond.pdbx_stereo_config 
_chem_comp_bond.pdbx_ordinal 
BRU N1    C2     sing N N 1   
BRU N1    C6     sing N N 2   
BRU N1    "C1'"  sing N N 3   
BRU C2    N3     sing N N 4   
BRU C2    O2     doub N N 5   
BRU N3    C4     sing N N 6   
BRU N3    HN3    sing N N 7   
BRU C4    C5     sing N N 8   
BRU C4    O4     doub N N 9   
BRU C5    C6     doub N N 10  
BRU C5    BR     sing N N 11  
BRU C6    H6     sing N N 12  
BRU "C1'" "C2'"  sing N N 13  
BRU "C1'" "O4'"  sing N N 14  
BRU "C1'" "H1'"  sing N N 15  
BRU "C2'" "C3'"  sing N N 16  
BRU "C2'" "H2'"  sing N N 17  
BRU "C2'" "H2''" sing N N 18  
BRU "C3'" "C4'"  sing N N 19  
BRU "C3'" "O3'"  sing N N 20  
BRU "C3'" "H3'"  sing N N 21  
BRU "C4'" "O4'"  sing N N 22  
BRU "C4'" "C5'"  sing N N 23  
BRU "C4'" "H4'"  sing N N 24  
BRU "O3'" "HO3'" sing N N 25  
BRU "C5'" "O5'"  sing N N 26  
BRU "C5'" "H5'"  sing N N 27  
BRU "C5'" "H5''" sing N N 28  
BRU "O5'" P      sing N N 29  
BRU P     OP1    doub N N 30  
BRU P     OP2    sing N N 31  
BRU P     OP3    sing N N 32  
BRU OP2   HOP2   sing N N 33  
BRU OP3   HOP3   sing N N 34  
DA  OP3   P      sing N N 35  
DA  OP3   HOP3   sing N N 36  
DA  P     OP1    doub N N 37  
DA  P     OP2    sing N N 38  
DA  P     "O5'"  sing N N 39  
DA  OP2   HOP2   sing N N 40  
DA  "O5'" "C5'"  sing N N 41  
DA  "C5'" "C4'"  sing N N 42  
DA  "C5'" "H5'"  sing N N 43  
DA  "C5'" "H5''" sing N N 44  
DA  "C4'" "O4'"  sing N N 45  
DA  "C4'" "C3'"  sing N N 46  
DA  "C4'" "H4'"  sing N N 47  
DA  "O4'" "C1'"  sing N N 48  
DA  "C3'" "O3'"  sing N N 49  
DA  "C3'" "C2'"  sing N N 50  
DA  "C3'" "H3'"  sing N N 51  
DA  "O3'" "HO3'" sing N N 52  
DA  "C2'" "C1'"  sing N N 53  
DA  "C2'" "H2'"  sing N N 54  
DA  "C2'" "H2''" sing N N 55  
DA  "C1'" N9     sing N N 56  
DA  "C1'" "H1'"  sing N N 57  
DA  N9    C8     sing Y N 58  
DA  N9    C4     sing Y N 59  
DA  C8    N7     doub Y N 60  
DA  C8    H8     sing N N 61  
DA  N7    C5     sing Y N 62  
DA  C5    C6     sing Y N 63  
DA  C5    C4     doub Y N 64  
DA  C6    N6     sing N N 65  
DA  C6    N1     doub Y N 66  
DA  N6    H61    sing N N 67  
DA  N6    H62    sing N N 68  
DA  N1    C2     sing Y N 69  
DA  C2    N3     doub Y N 70  
DA  C2    H2     sing N N 71  
DA  N3    C4     sing Y N 72  
DC  OP3   P      sing N N 73  
DC  OP3   HOP3   sing N N 74  
DC  P     OP1    doub N N 75  
DC  P     OP2    sing N N 76  
DC  P     "O5'"  sing N N 77  
DC  OP2   HOP2   sing N N 78  
DC  "O5'" "C5'"  sing N N 79  
DC  "C5'" "C4'"  sing N N 80  
DC  "C5'" "H5'"  sing N N 81  
DC  "C5'" "H5''" sing N N 82  
DC  "C4'" "O4'"  sing N N 83  
DC  "C4'" "C3'"  sing N N 84  
DC  "C4'" "H4'"  sing N N 85  
DC  "O4'" "C1'"  sing N N 86  
DC  "C3'" "O3'"  sing N N 87  
DC  "C3'" "C2'"  sing N N 88  
DC  "C3'" "H3'"  sing N N 89  
DC  "O3'" "HO3'" sing N N 90  
DC  "C2'" "C1'"  sing N N 91  
DC  "C2'" "H2'"  sing N N 92  
DC  "C2'" "H2''" sing N N 93  
DC  "C1'" N1     sing N N 94  
DC  "C1'" "H1'"  sing N N 95  
DC  N1    C2     sing N N 96  
DC  N1    C6     sing N N 97  
DC  C2    O2     doub N N 98  
DC  C2    N3     sing N N 99  
DC  N3    C4     doub N N 100 
DC  C4    N4     sing N N 101 
DC  C4    C5     sing N N 102 
DC  N4    H41    sing N N 103 
DC  N4    H42    sing N N 104 
DC  C5    C6     doub N N 105 
DC  C5    H5     sing N N 106 
DC  C6    H6     sing N N 107 
DG  OP3   P      sing N N 108 
DG  OP3   HOP3   sing N N 109 
DG  P     OP1    doub N N 110 
DG  P     OP2    sing N N 111 
DG  P     "O5'"  sing N N 112 
DG  OP2   HOP2   sing N N 113 
DG  "O5'" "C5'"  sing N N 114 
DG  "C5'" "C4'"  sing N N 115 
DG  "C5'" "H5'"  sing N N 116 
DG  "C5'" "H5''" sing N N 117 
DG  "C4'" "O4'"  sing N N 118 
DG  "C4'" "C3'"  sing N N 119 
DG  "C4'" "H4'"  sing N N 120 
DG  "O4'" "C1'"  sing N N 121 
DG  "C3'" "O3'"  sing N N 122 
DG  "C3'" "C2'"  sing N N 123 
DG  "C3'" "H3'"  sing N N 124 
DG  "O3'" "HO3'" sing N N 125 
DG  "C2'" "C1'"  sing N N 126 
DG  "C2'" "H2'"  sing N N 127 
DG  "C2'" "H2''" sing N N 128 
DG  "C1'" N9     sing N N 129 
DG  "C1'" "H1'"  sing N N 130 
DG  N9    C8     sing Y N 131 
DG  N9    C4     sing Y N 132 
DG  C8    N7     doub Y N 133 
DG  C8    H8     sing N N 134 
DG  N7    C5     sing Y N 135 
DG  C5    C6     sing N N 136 
DG  C5    C4     doub Y N 137 
DG  C6    O6     doub N N 138 
DG  C6    N1     sing N N 139 
DG  N1    C2     sing N N 140 
DG  N1    H1     sing N N 141 
DG  C2    N2     sing N N 142 
DG  C2    N3     doub N N 143 
DG  N2    H21    sing N N 144 
DG  N2    H22    sing N N 145 
DG  N3    C4     sing N N 146 
DT  OP3   P      sing N N 147 
DT  OP3   HOP3   sing N N 148 
DT  P     OP1    doub N N 149 
DT  P     OP2    sing N N 150 
DT  P     "O5'"  sing N N 151 
DT  OP2   HOP2   sing N N 152 
DT  "O5'" "C5'"  sing N N 153 
DT  "C5'" "C4'"  sing N N 154 
DT  "C5'" "H5'"  sing N N 155 
DT  "C5'" "H5''" sing N N 156 
DT  "C4'" "O4'"  sing N N 157 
DT  "C4'" "C3'"  sing N N 158 
DT  "C4'" "H4'"  sing N N 159 
DT  "O4'" "C1'"  sing N N 160 
DT  "C3'" "O3'"  sing N N 161 
DT  "C3'" "C2'"  sing N N 162 
DT  "C3'" "H3'"  sing N N 163 
DT  "O3'" "HO3'" sing N N 164 
DT  "C2'" "C1'"  sing N N 165 
DT  "C2'" "H2'"  sing N N 166 
DT  "C2'" "H2''" sing N N 167 
DT  "C1'" N1     sing N N 168 
DT  "C1'" "H1'"  sing N N 169 
DT  N1    C2     sing N N 170 
DT  N1    C6     sing N N 171 
DT  C2    O2     doub N N 172 
DT  C2    N3     sing N N 173 
DT  N3    C4     sing N N 174 
DT  N3    H3     sing N N 175 
DT  C4    O4     doub N N 176 
DT  C4    C5     sing N N 177 
DT  C5    C7     sing N N 178 
DT  C5    C6     doub N N 179 
DT  C7    H71    sing N N 180 
DT  C7    H72    sing N N 181 
DT  C7    H73    sing N N 182 
DT  C6    H6     sing N N 183 
# 
loop_
_ndb_struct_conf_na.entry_id 
_ndb_struct_conf_na.feature 
6ROR 'double helix'         
6ROR 'a-form double helix'  
6ROR 'mismatched base pair' 
# 
loop_
_ndb_struct_na_base_pair.model_number 
_ndb_struct_na_base_pair.i_label_asym_id 
_ndb_struct_na_base_pair.i_label_comp_id 
_ndb_struct_na_base_pair.i_label_seq_id 
_ndb_struct_na_base_pair.i_symmetry 
_ndb_struct_na_base_pair.j_label_asym_id 
_ndb_struct_na_base_pair.j_label_comp_id 
_ndb_struct_na_base_pair.j_label_seq_id 
_ndb_struct_na_base_pair.j_symmetry 
_ndb_struct_na_base_pair.shear 
_ndb_struct_na_base_pair.stretch 
_ndb_struct_na_base_pair.stagger 
_ndb_struct_na_base_pair.buckle 
_ndb_struct_na_base_pair.propeller 
_ndb_struct_na_base_pair.opening 
_ndb_struct_na_base_pair.pair_number 
_ndb_struct_na_base_pair.pair_name 
_ndb_struct_na_base_pair.i_auth_asym_id 
_ndb_struct_na_base_pair.i_auth_seq_id 
_ndb_struct_na_base_pair.i_PDB_ins_code 
_ndb_struct_na_base_pair.j_auth_asym_id 
_ndb_struct_na_base_pair.j_auth_seq_id 
_ndb_struct_na_base_pair.j_PDB_ins_code 
_ndb_struct_na_base_pair.hbond_type_28 
_ndb_struct_na_base_pair.hbond_type_12 
1 A DG  1  1_555 A DC  18 7_465 -0.247 -0.286 -0.192 -14.324 -11.844 -8.493 1  A_DG1:DC18_A  A 1  ? A 18 ? 19 1 
1 A DG  2  1_555 A DC  17 7_465 -0.596 -0.149 0.440  5.170   -10.880 1.157  2  A_DG2:DC17_A  A 2  ? A 17 ? 19 1 
1 A DT  3  1_555 A DA  16 7_465 -0.161 -0.156 0.627  4.053   -14.518 7.354  3  A_DT3:DA16_A  A 3  ? A 16 ? 20 1 
1 A DG  4  1_555 A DC  15 7_465 -0.189 -0.296 1.105  11.880  -14.978 8.353  4  A_DG4:DC15_A  A 4  ? A 15 ? 19 1 
1 A DG  5  1_555 A DC  14 7_465 0.042  -0.368 0.541  1.135   -9.059  -1.363 5  A_DG5:DC14_A  A 5  ? A 14 ? 19 1 
1 A DG  6  1_555 A DC  13 7_465 -0.131 -0.328 0.169  -11.923 -0.888  3.848  6  A_DG6:DC13_A  A 6  ? A 13 ? 19 1 
1 A DG  7  1_555 A DC  12 7_465 -0.061 0.364  -1.290 -35.839 -14.166 1.605  7  A_DG7:DC12_A  A 7  ? A 12 ? 19 1 
1 A DC  8  1_555 A DG  11 7_465 -0.376 0.060  0.016  5.040   -28.314 16.329 8  A_DC8:DG11_A  A 8  ? A 11 ? 19 1 
1 A BRU 9  1_555 A DT  10 7_465 1.944  -1.751 1.571  -1.795  -29.133 28.452 9  A_BRU9:DT10_A A 9  ? A 10 ? 16 1 
1 A DT  10 1_555 A BRU 9  7_465 -1.944 -1.751 1.571  1.795   -29.133 28.452 10 A_DT10:BRU9_A A 10 ? A 9  ? 16 1 
1 A DG  11 1_555 A DC  8  7_465 0.376  0.060  0.016  -5.040  -28.314 16.329 11 A_DG11:DC8_A  A 11 ? A 8  ? 19 1 
1 A DC  12 1_555 A DG  7  7_465 0.061  0.364  -1.290 35.839  -14.166 1.605  12 A_DC12:DG7_A  A 12 ? A 7  ? 19 1 
1 A DC  13 1_555 A DG  6  7_465 0.131  -0.328 0.169  11.923  -0.888  3.848  13 A_DC13:DG6_A  A 13 ? A 6  ? 19 1 
1 A DC  14 1_555 A DG  5  7_465 -0.042 -0.368 0.541  -1.135  -9.059  -1.363 14 A_DC14:DG5_A  A 14 ? A 5  ? 19 1 
1 A DC  15 1_555 A DG  4  7_465 0.189  -0.296 1.105  -11.880 -14.978 8.353  15 A_DC15:DG4_A  A 15 ? A 4  ? 19 1 
1 A DA  16 1_555 A DT  3  7_465 0.161  -0.156 0.627  -4.053  -14.518 7.354  16 A_DA16:DT3_A  A 16 ? A 3  ? 20 1 
1 A DC  17 1_555 A DG  2  7_465 0.596  -0.149 0.440  -5.170  -10.880 1.157  17 A_DC17:DG2_A  A 17 ? A 2  ? 19 1 
1 A DC  18 1_555 A DG  1  7_465 0.247  -0.286 -0.192 14.324  -11.844 -8.493 18 A_DC18:DG1_A  A 18 ? A 1  ? 19 1 
# 
loop_
_ndb_struct_na_base_pair_step.model_number 
_ndb_struct_na_base_pair_step.i_label_asym_id_1 
_ndb_struct_na_base_pair_step.i_label_comp_id_1 
_ndb_struct_na_base_pair_step.i_label_seq_id_1 
_ndb_struct_na_base_pair_step.i_symmetry_1 
_ndb_struct_na_base_pair_step.j_label_asym_id_1 
_ndb_struct_na_base_pair_step.j_label_comp_id_1 
_ndb_struct_na_base_pair_step.j_label_seq_id_1 
_ndb_struct_na_base_pair_step.j_symmetry_1 
_ndb_struct_na_base_pair_step.i_label_asym_id_2 
_ndb_struct_na_base_pair_step.i_label_comp_id_2 
_ndb_struct_na_base_pair_step.i_label_seq_id_2 
_ndb_struct_na_base_pair_step.i_symmetry_2 
_ndb_struct_na_base_pair_step.j_label_asym_id_2 
_ndb_struct_na_base_pair_step.j_label_comp_id_2 
_ndb_struct_na_base_pair_step.j_label_seq_id_2 
_ndb_struct_na_base_pair_step.j_symmetry_2 
_ndb_struct_na_base_pair_step.shift 
_ndb_struct_na_base_pair_step.slide 
_ndb_struct_na_base_pair_step.rise 
_ndb_struct_na_base_pair_step.tilt 
_ndb_struct_na_base_pair_step.roll 
_ndb_struct_na_base_pair_step.twist 
_ndb_struct_na_base_pair_step.x_displacement 
_ndb_struct_na_base_pair_step.y_displacement 
_ndb_struct_na_base_pair_step.helical_rise 
_ndb_struct_na_base_pair_step.inclination 
_ndb_struct_na_base_pair_step.tip 
_ndb_struct_na_base_pair_step.helical_twist 
_ndb_struct_na_base_pair_step.step_number 
_ndb_struct_na_base_pair_step.step_name 
_ndb_struct_na_base_pair_step.i_auth_asym_id_1 
_ndb_struct_na_base_pair_step.i_auth_seq_id_1 
_ndb_struct_na_base_pair_step.i_PDB_ins_code_1 
_ndb_struct_na_base_pair_step.j_auth_asym_id_1 
_ndb_struct_na_base_pair_step.j_auth_seq_id_1 
_ndb_struct_na_base_pair_step.j_PDB_ins_code_1 
_ndb_struct_na_base_pair_step.i_auth_asym_id_2 
_ndb_struct_na_base_pair_step.i_auth_seq_id_2 
_ndb_struct_na_base_pair_step.i_PDB_ins_code_2 
_ndb_struct_na_base_pair_step.j_auth_asym_id_2 
_ndb_struct_na_base_pair_step.j_auth_seq_id_2 
_ndb_struct_na_base_pair_step.j_PDB_ins_code_2 
1 A DG  1  1_555 A DC  18 7_465 A DG  2  1_555 A DC  17 7_465 0.732  -1.522 2.668 -5.557  5.965  30.820 -3.593 -2.097 2.181 10.985 
10.233  31.854 1  AA_DG1DG2:DC17DC18_AA   A 1  ? A 18 ? A 2  ? A 17 ? 
1 A DG  2  1_555 A DC  17 7_465 A DT  3  1_555 A DA  16 7_465 0.681  -1.213 3.401 2.533   -4.009 38.920 -1.297 -0.692 3.539 -5.990 
-3.785  39.196 2  AA_DG2DT3:DA16DC17_AA   A 2  ? A 17 ? A 3  ? A 16 ? 
1 A DT  3  1_555 A DA  16 7_465 A DG  4  1_555 A DC  15 7_465 0.116  -1.765 2.802 -1.153  9.052  23.927 -5.939 -0.511 2.003 20.887 
2.660   25.585 3  AA_DT3DG4:DC15DA16_AA   A 3  ? A 16 ? A 4  ? A 15 ? 
1 A DG  4  1_555 A DC  15 7_465 A DG  5  1_555 A DC  14 7_465 -1.147 -1.353 3.223 0.060   7.835  34.902 -3.268 1.877  2.860 12.863 
-0.098  35.744 4  AA_DG4DG5:DC14DC15_AA   A 4  ? A 15 ? A 5  ? A 14 ? 
1 A DG  5  1_555 A DC  14 7_465 A DG  6  1_555 A DC  13 7_465 0.707  -1.903 3.384 2.640   2.685  33.555 -3.722 -0.782 3.271 4.633  
-4.555  33.759 5  AA_DG5DG6:DC13DC14_AA   A 5  ? A 14 ? A 6  ? A 13 ? 
1 A DG  6  1_555 A DC  13 7_465 A DG  7  1_555 A DC  12 7_465 0.275  -2.010 3.676 18.611  12.983 34.431 -4.357 1.745  2.608 19.530 
-27.996 41.046 6  AA_DG6DG7:DC12DC13_AA   A 6  ? A 13 ? A 7  ? A 12 ? 
1 A DG  7  1_555 A DC  12 7_465 A DC  8  1_555 A DG  11 7_465 -0.210 -0.371 2.237 -9.034  5.414  17.145 -2.774 -2.253 1.905 16.311 
27.217  20.101 7  AA_DG7DC8:DG11DC12_AA   A 7  ? A 12 ? A 8  ? A 11 ? 
1 A DC  8  1_555 A DG  11 7_465 A BRU 9  1_555 A DT  10 7_465 0.789  0.286  3.462 -11.727 14.141 43.691 -0.854 -1.990 3.112 18.080 
14.993  47.222 8  AA_DC8BRU9:DT10DG11_AA  A 8  ? A 11 ? A 9  ? A 10 ? 
1 A BRU 9  1_555 A DT  10 7_465 A DT  10 1_555 A BRU 9  7_465 0.000  -1.162 3.150 0.000   7.607  18.446 -6.547 0.000  2.476 22.529 
0.000   19.941 9  AA_BRU9DT10:BRU9DT10_AA A 9  ? A 10 ? A 10 ? A 9  ? 
1 A DT  10 1_555 A BRU 9  7_465 A DG  11 1_555 A DC  8  7_465 -0.789 0.286  3.462 11.727  14.141 43.691 -0.854 1.990  3.112 18.080 
-14.993 47.222 10 AA_DT10DG11:DC8BRU9_AA  A 10 ? A 9  ? A 11 ? A 8  ? 
1 A DG  11 1_555 A DC  8  7_465 A DC  12 1_555 A DG  7  7_465 0.210  -0.371 2.237 9.034   5.414  17.145 -2.774 2.253  1.905 16.311 
-27.217 20.101 11 AA_DG11DC12:DG7DC8_AA   A 11 ? A 8  ? A 12 ? A 7  ? 
1 A DC  12 1_555 A DG  7  7_465 A DC  13 1_555 A DG  6  7_465 -0.275 -2.010 3.676 -18.611 12.983 34.431 -4.357 -1.745 2.608 19.530 
27.996  41.046 12 AA_DC12DC13:DG6DG7_AA   A 12 ? A 7  ? A 13 ? A 6  ? 
1 A DC  13 1_555 A DG  6  7_465 A DC  14 1_555 A DG  5  7_465 -0.707 -1.903 3.384 -2.640  2.685  33.555 -3.722 0.782  3.271 4.633  
4.555   33.759 13 AA_DC13DC14:DG5DG6_AA   A 13 ? A 6  ? A 14 ? A 5  ? 
1 A DC  14 1_555 A DG  5  7_465 A DC  15 1_555 A DG  4  7_465 1.147  -1.353 3.223 -0.060  7.835  34.902 -3.268 -1.877 2.860 12.863 
0.098   35.744 14 AA_DC14DC15:DG4DG5_AA   A 14 ? A 5  ? A 15 ? A 4  ? 
1 A DC  15 1_555 A DG  4  7_465 A DA  16 1_555 A DT  3  7_465 -0.116 -1.765 2.802 1.153   9.052  23.927 -5.939 0.511  2.003 20.887 
-2.660  25.585 15 AA_DC15DA16:DT3DG4_AA   A 15 ? A 4  ? A 16 ? A 3  ? 
1 A DA  16 1_555 A DT  3  7_465 A DC  17 1_555 A DG  2  7_465 -0.681 -1.213 3.401 -2.533  -4.009 38.920 -1.297 0.692  3.539 -5.990 
3.785   39.196 16 AA_DA16DC17:DG2DT3_AA   A 16 ? A 3  ? A 17 ? A 2  ? 
1 A DC  17 1_555 A DG  2  7_465 A DC  18 1_555 A DG  1  7_465 -0.732 -1.522 2.668 5.557   5.965  30.820 -3.593 2.097  2.181 10.985 
-10.233 31.854 17 AA_DC17DC18:DG1DG2_AA   A 17 ? A 2  ? A 18 ? A 1  ? 
# 
loop_
_pdbx_audit_support.funding_organization 
_pdbx_audit_support.country 
_pdbx_audit_support.grant_number 
_pdbx_audit_support.ordinal 
'Ministry of Education (Czech Republic)' 'Czech Republic' 'CZ.02.1.01/0.0/0.0/16_013/0001776)' 1 
'Ministry of Education (Czech Republic)' 'Czech Republic' CZ.02.1.01/0.0/0.0/16_019/0000778    2 
# 
_pdbx_related_exp_data_set.ordinal              1 
_pdbx_related_exp_data_set.data_reference       10.5281/zenodo.2531566 
_pdbx_related_exp_data_set.metadata_reference   ? 
_pdbx_related_exp_data_set.data_set_type        'diffraction image data' 
_pdbx_related_exp_data_set.details              ? 
# 
_atom_sites.entry_id                    6ROR 
_atom_sites.fract_transf_matrix[1][1]   -0.01045031 
_atom_sites.fract_transf_matrix[1][2]   0.02371634 
_atom_sites.fract_transf_matrix[1][3]   -0.00197746 
_atom_sites.fract_transf_matrix[2][1]   -0.01282921 
_atom_sites.fract_transf_matrix[2][2]   -0.00379497 
_atom_sites.fract_transf_matrix[2][3]   0.02228438 
_atom_sites.fract_transf_matrix[3][1]   0.00849459 
_atom_sites.fract_transf_matrix[3][2]   0.00421058 
_atom_sites.fract_transf_matrix[3][3]   0.00560742 
_atom_sites.fract_transf_vector[1]      -0.558874 
_atom_sites.fract_transf_vector[2]      0.443451 
_atom_sites.fract_transf_vector[3]      0.017502 
# 
loop_
_atom_type.symbol 
BR 
C  
N  
O  
P  
SR 
# 
loop_
_atom_site.group_PDB 
_atom_site.id 
_atom_site.type_symbol 
_atom_site.label_atom_id 
_atom_site.label_alt_id 
_atom_site.label_comp_id 
_atom_site.label_asym_id 
_atom_site.label_entity_id 
_atom_site.label_seq_id 
_atom_site.pdbx_PDB_ins_code 
_atom_site.Cartn_x 
_atom_site.Cartn_y 
_atom_site.Cartn_z 
_atom_site.occupancy 
_atom_site.B_iso_or_equiv 
_atom_site.pdbx_formal_charge 
_atom_site.auth_seq_id 
_atom_site.auth_comp_id 
_atom_site.auth_asym_id 
_atom_site.auth_atom_id 
_atom_site.pdbx_PDB_model_num 
ATOM   1   O  "O5'" . DG  A 1 1  ? -4.585  4.220   -24.659 1.00 108.24 ? 1   DG  A "O5'" 1 
ATOM   2   C  "C5'" . DG  A 1 1  ? -4.229  5.006   -23.523 1.00 101.84 ? 1   DG  A "C5'" 1 
ATOM   3   C  "C4'" . DG  A 1 1  ? -3.934  6.451   -23.907 1.00 96.74  ? 1   DG  A "C4'" 1 
ATOM   4   O  "O4'" . DG  A 1 1  ? -5.000  6.976   -24.746 1.00 98.13  ? 1   DG  A "O4'" 1 
ATOM   5   C  "C3'" . DG  A 1 1  ? -3.859  7.405   -22.726 1.00 99.83  ? 1   DG  A "C3'" 1 
ATOM   6   O  "O3'" . DG  A 1 1  ? -2.526  7.511   -22.274 1.00 104.39 ? 1   DG  A "O3'" 1 
ATOM   7   C  "C2'" . DG  A 1 1  ? -4.360  8.712   -23.326 1.00 98.07  ? 1   DG  A "C2'" 1 
ATOM   8   C  "C1'" . DG  A 1 1  ? -5.480  8.195   -24.202 1.00 97.98  ? 1   DG  A "C1'" 1 
ATOM   9   N  N9    . DG  A 1 1  ? -6.714  7.906   -23.468 1.00 97.10  ? 1   DG  A N9    1 
ATOM   10  C  C8    . DG  A 1 1  ? -7.326  6.679   -23.360 1.00 97.56  ? 1   DG  A C8    1 
ATOM   11  N  N7    . DG  A 1 1  ? -8.418  6.698   -22.656 1.00 97.21  ? 1   DG  A N7    1 
ATOM   12  C  C5    . DG  A 1 1  ? -8.550  8.024   -22.266 1.00 96.63  ? 1   DG  A C5    1 
ATOM   13  C  C6    . DG  A 1 1  ? -9.552  8.631   -21.489 1.00 99.92  ? 1   DG  A C6    1 
ATOM   14  O  O6    . DG  A 1 1  ? -10.553 8.088   -20.977 1.00 103.73 ? 1   DG  A O6    1 
ATOM   15  N  N1    . DG  A 1 1  ? -9.314  10.005  -21.317 1.00 94.42  ? 1   DG  A N1    1 
ATOM   16  C  C2    . DG  A 1 1  ? -8.246  10.689  -21.846 1.00 90.39  ? 1   DG  A C2    1 
ATOM   17  N  N2    . DG  A 1 1  ? -8.190  12.002  -21.584 1.00 88.33  ? 1   DG  A N2    1 
ATOM   18  N  N3    . DG  A 1 1  ? -7.298  10.125  -22.586 1.00 91.42  ? 1   DG  A N3    1 
ATOM   19  C  C4    . DG  A 1 1  ? -7.511  8.790   -22.752 1.00 94.63  ? 1   DG  A C4    1 
ATOM   20  P  P     . DG  A 1 2  ? -2.129  6.935   -20.832 1.00 100.60 ? 2   DG  A P     1 
ATOM   21  O  OP1   . DG  A 1 2  ? -0.661  6.745   -20.802 1.00 100.27 ? 2   DG  A OP1   1 
ATOM   22  O  OP2   . DG  A 1 2  ? -2.995  5.750   -20.630 1.00 100.09 ? 2   DG  A OP2   1 
ATOM   23  O  "O5'" . DG  A 1 2  ? -2.560  8.115   -19.828 1.00 92.60  ? 2   DG  A "O5'" 1 
ATOM   24  C  "C5'" . DG  A 1 2  ? -1.877  9.357   -19.869 1.00 94.08  ? 2   DG  A "C5'" 1 
ATOM   25  C  "C4'" . DG  A 1 2  ? -2.794  10.510  -19.491 1.00 97.38  ? 2   DG  A "C4'" 1 
ATOM   26  O  "O4'" . DG  A 1 2  ? -4.035  10.394  -20.211 1.00 101.98 ? 2   DG  A "O4'" 1 
ATOM   27  C  "C3'" . DG  A 1 2  ? -3.220  10.563  -18.039 1.00 100.61 ? 2   DG  A "C3'" 1 
ATOM   28  O  "O3'" . DG  A 1 2  ? -2.220  11.173  -17.259 1.00 100.87 ? 2   DG  A "O3'" 1 
ATOM   29  C  "C2'" . DG  A 1 2  ? -4.473  11.428  -18.125 1.00 100.81 ? 2   DG  A "C2'" 1 
ATOM   30  C  "C1'" . DG  A 1 2  ? -5.099  10.910  -19.418 1.00 101.80 ? 2   DG  A "C1'" 1 
ATOM   31  N  N9    . DG  A 1 2  ? -6.105  9.850   -19.224 1.00 99.36  ? 2   DG  A N9    1 
ATOM   32  C  C8    . DG  A 1 2  ? -6.013  8.531   -19.612 1.00 96.16  ? 2   DG  A C8    1 
ATOM   33  N  N7    . DG  A 1 2  ? -7.069  7.828   -19.319 1.00 94.46  ? 2   DG  A N7    1 
ATOM   34  C  C5    . DG  A 1 2  ? -7.914  8.735   -18.704 1.00 94.46  ? 2   DG  A C5    1 
ATOM   35  C  C6    . DG  A 1 2  ? -9.198  8.546   -18.176 1.00 97.29  ? 2   DG  A C6    1 
ATOM   36  O  O6    . DG  A 1 2  ? -9.871  7.492   -18.148 1.00 98.67  ? 2   DG  A O6    1 
ATOM   37  N  N1    . DG  A 1 2  ? -9.707  9.736   -17.646 1.00 98.67  ? 2   DG  A N1    1 
ATOM   38  C  C2    . DG  A 1 2  ? -9.040  10.949  -17.632 1.00 99.22  ? 2   DG  A C2    1 
ATOM   39  N  N2    . DG  A 1 2  ? -9.681  11.992  -17.075 1.00 102.15 ? 2   DG  A N2    1 
ATOM   40  N  N3    . DG  A 1 2  ? -7.835  11.127  -18.125 1.00 97.50  ? 2   DG  A N3    1 
ATOM   41  C  C4    . DG  A 1 2  ? -7.336  9.985   -18.644 1.00 95.93  ? 2   DG  A C4    1 
ATOM   42  P  P     . DT  A 1 3  ? -1.963  10.657  -15.761 1.00 96.47  ? 3   DT  A P     1 
ATOM   43  O  OP1   . DT  A 1 3  ? -0.779  11.404  -15.266 1.00 96.91  ? 3   DT  A OP1   1 
ATOM   44  O  OP2   . DT  A 1 3  ? -1.971  9.165   -15.773 1.00 86.78  ? 3   DT  A OP2   1 
ATOM   45  O  "O5'" . DT  A 1 3  ? -3.262  11.180  -14.972 1.00 98.85  ? 3   DT  A "O5'" 1 
ATOM   46  C  "C5'" . DT  A 1 3  ? -3.502  12.586  -14.855 1.00 95.10  ? 3   DT  A "C5'" 1 
ATOM   47  C  "C4'" . DT  A 1 3  ? -4.870  12.866  -14.252 1.00 97.06  ? 3   DT  A "C4'" 1 
ATOM   48  O  "O4'" . DT  A 1 3  ? -5.901  12.368  -15.137 1.00 99.26  ? 3   DT  A "O4'" 1 
ATOM   49  C  "C3'" . DT  A 1 3  ? -5.165  12.179  -12.931 1.00 97.11  ? 3   DT  A "C3'" 1 
ATOM   50  O  "O3'" . DT  A 1 3  ? -4.609  12.898  -11.862 1.00 96.63  ? 3   DT  A "O3'" 1 
ATOM   51  C  "C2'" . DT  A 1 3  ? -6.679  12.244  -12.913 1.00 100.27 ? 3   DT  A "C2'" 1 
ATOM   52  C  "C1'" . DT  A 1 3  ? -6.993  11.905  -14.363 1.00 98.39  ? 3   DT  A "C1'" 1 
ATOM   53  N  N1    . DT  A 1 3  ? -7.138  10.466  -14.591 1.00 96.88  ? 3   DT  A N1    1 
ATOM   54  C  C2    . DT  A 1 3  ? -8.342  9.885   -14.325 1.00 101.33 ? 3   DT  A C2    1 
ATOM   55  O  O2    . DT  A 1 3  ? -9.303  10.516  -13.907 1.00 102.94 ? 3   DT  A O2    1 
ATOM   56  N  N3    . DT  A 1 3  ? -8.393  8.532   -14.569 1.00 103.66 ? 3   DT  A N3    1 
ATOM   57  C  C4    . DT  A 1 3  ? -7.366  7.728   -15.040 1.00 102.31 ? 3   DT  A C4    1 
ATOM   58  O  O4    . DT  A 1 3  ? -7.507  6.509   -15.231 1.00 103.10 ? 3   DT  A O4    1 
ATOM   59  C  C5    . DT  A 1 3  ? -6.117  8.420   -15.287 1.00 97.00  ? 3   DT  A C5    1 
ATOM   60  C  C7    . DT  A 1 3  ? -4.922  7.674   -15.791 1.00 98.43  ? 3   DT  A C7    1 
ATOM   61  C  C6    . DT  A 1 3  ? -6.069  9.735   -15.054 1.00 94.76  ? 3   DT  A C6    1 
ATOM   62  P  P     . DG  A 1 4  ? -4.038  12.109  -10.589 1.00 99.82  ? 4   DG  A P     1 
ATOM   63  O  OP1   . DG  A 1 4  ? -3.202  13.085  -9.842  1.00 94.61  ? 4   DG  A OP1   1 
ATOM   64  O  OP2   . DG  A 1 4  ? -3.511  10.788  -11.001 1.00 96.03  ? 4   DG  A OP2   1 
ATOM   65  O  "O5'" . DG  A 1 4  ? -5.351  11.706  -9.796  1.00 101.39 ? 4   DG  A "O5'" 1 
ATOM   66  C  "C5'" . DG  A 1 4  ? -6.332  12.672  -9.513  1.00 98.64  ? 4   DG  A "C5'" 1 
ATOM   67  C  "C4'" . DG  A 1 4  ? -7.603  11.967  -9.159  1.00 99.55  ? 4   DG  A "C4'" 1 
ATOM   68  O  "O4'" . DG  A 1 4  ? -7.981  11.151  -10.273 1.00 103.75 ? 4   DG  A "O4'" 1 
ATOM   69  C  "C3'" . DG  A 1 4  ? -7.460  10.965  -8.031  1.00 98.83  ? 4   DG  A "C3'" 1 
ATOM   70  O  "O3'" . DG  A 1 4  ? -7.571  11.621  -6.788  1.00 104.24 ? 4   DG  A "O3'" 1 
ATOM   71  C  "C2'" . DG  A 1 4  ? -8.644  10.052  -8.276  1.00 102.50 ? 4   DG  A "C2'" 1 
ATOM   72  C  "C1'" . DG  A 1 4  ? -8.778  10.090  -9.797  1.00 103.91 ? 4   DG  A "C1'" 1 
ATOM   73  N  N9    . DG  A 1 4  ? -8.392  8.848   -10.452 1.00 101.75 ? 4   DG  A N9    1 
ATOM   74  C  C8    . DG  A 1 4  ? -7.182  8.527   -11.021 1.00 101.35 ? 4   DG  A C8    1 
ATOM   75  N  N7    . DG  A 1 4  ? -7.162  7.323   -11.540 1.00 101.14 ? 4   DG  A N7    1 
ATOM   76  C  C5    . DG  A 1 4  ? -8.442  6.826   -11.293 1.00 101.42 ? 4   DG  A C5    1 
ATOM   77  C  C6    . DG  A 1 4  ? -9.031  5.571   -11.619 1.00 105.00 ? 4   DG  A C6    1 
ATOM   78  O  O6    . DG  A 1 4  ? -8.523  4.603   -12.215 1.00 108.27 ? 4   DG  A O6    1 
ATOM   79  N  N1    . DG  A 1 4  ? -10.350 5.498   -11.174 1.00 105.04 ? 4   DG  A N1    1 
ATOM   80  C  C2    . DG  A 1 4  ? -11.011 6.505   -10.501 1.00 103.63 ? 4   DG  A C2    1 
ATOM   81  N  N2    . DG  A 1 4  ? -12.280 6.265   -10.148 1.00 105.33 ? 4   DG  A N2    1 
ATOM   82  N  N3    . DG  A 1 4  ? -10.474 7.666   -10.198 1.00 100.99 ? 4   DG  A N3    1 
ATOM   83  C  C4    . DG  A 1 4  ? -9.198  7.758   -10.624 1.00 101.06 ? 4   DG  A C4    1 
ATOM   84  P  P     . DG  A 1 5  ? -7.147  10.885  -5.421  1.00 104.97 ? 5   DG  A P     1 
ATOM   85  O  OP1   . DG  A 1 5  ? -7.374  11.930  -4.411  1.00 103.10 ? 5   DG  A OP1   1 
ATOM   86  O  OP2   . DG  A 1 5  ? -5.826  10.207  -5.458  1.00 106.09 ? 5   DG  A OP2   1 
ATOM   87  O  "O5'" . DG  A 1 5  ? -8.242  9.753   -5.246  1.00 99.07  ? 5   DG  A "O5'" 1 
ATOM   88  C  "C5'" . DG  A 1 5  ? -8.924  9.672   -4.046  1.00 99.45  ? 5   DG  A "C5'" 1 
ATOM   89  C  "C4'" . DG  A 1 5  ? -10.081 8.728   -4.163  1.00 100.56 ? 5   DG  A "C4'" 1 
ATOM   90  O  "O4'" . DG  A 1 5  ? -10.442 8.561   -5.552  1.00 96.29  ? 5   DG  A "O4'" 1 
ATOM   91  C  "C3'" . DG  A 1 5  ? -9.801  7.324   -3.679  1.00 100.87 ? 5   DG  A "C3'" 1 
ATOM   92  O  "O3'" . DG  A 1 5  ? -9.893  7.282   -2.251  1.00 102.30 ? 5   DG  A "O3'" 1 
ATOM   93  C  "C2'" . DG  A 1 5  ? -10.947 6.587   -4.347  1.00 99.85  ? 5   DG  A "C2'" 1 
ATOM   94  C  "C1'" . DG  A 1 5  ? -10.977 7.260   -5.724  1.00 97.98  ? 5   DG  A "C1'" 1 
ATOM   95  N  N9    . DG  A 1 5  ? -10.162 6.556   -6.678  1.00 97.22  ? 5   DG  A N9    1 
ATOM   96  C  C8    . DG  A 1 5  ? -8.980  6.974   -7.216  1.00 100.51 ? 5   DG  A C8    1 
ATOM   97  N  N7    . DG  A 1 5  ? -8.456  6.112   -8.033  1.00 104.53 ? 5   DG  A N7    1 
ATOM   98  C  C5    . DG  A 1 5  ? -9.342  5.049   -8.019  1.00 101.66 ? 5   DG  A C5    1 
ATOM   99  C  C6    . DG  A 1 5  ? -9.298  3.819   -8.712  1.00 106.51 ? 5   DG  A C6    1 
ATOM   100 O  O6    . DG  A 1 5  ? -8.428  3.411   -9.501  1.00 110.00 ? 5   DG  A O6    1 
ATOM   101 N  N1    . DG  A 1 5  ? -10.400 3.019   -8.405  1.00 108.36 ? 5   DG  A N1    1 
ATOM   102 C  C2    . DG  A 1 5  ? -11.414 3.373   -7.546  1.00 103.55 ? 5   DG  A C2    1 
ATOM   103 N  N2    . DG  A 1 5  ? -12.398 2.474   -7.377  1.00 103.43 ? 5   DG  A N2    1 
ATOM   104 N  N3    . DG  A 1 5  ? -11.461 4.525   -6.899  1.00 99.69  ? 5   DG  A N3    1 
ATOM   105 C  C4    . DG  A 1 5  ? -10.396 5.308   -7.184  1.00 97.71  ? 5   DG  A C4    1 
ATOM   106 P  P     . DG  A 1 6  ? -8.989  6.279   -1.377  1.00 104.74 ? 6   DG  A P     1 
ATOM   107 O  OP1   . DG  A 1 6  ? -9.297  6.542   0.043   1.00 113.00 ? 6   DG  A OP1   1 
ATOM   108 O  OP2   . DG  A 1 6  ? -7.575  6.391   -1.810  1.00 110.12 ? 6   DG  A OP2   1 
ATOM   109 O  "O5'" . DG  A 1 6  ? -9.594  4.840   -1.707  1.00 95.83  ? 6   DG  A "O5'" 1 
ATOM   110 C  "C5'" . DG  A 1 6  ? -10.970 4.596   -1.479  1.00 96.44  ? 6   DG  A "C5'" 1 
ATOM   111 C  "C4'" . DG  A 1 6  ? -11.398 3.313   -2.151  1.00 98.15  ? 6   DG  A "C4'" 1 
ATOM   112 O  "O4'" . DG  A 1 6  ? -11.314 3.457   -3.586  1.00 99.00  ? 6   DG  A "O4'" 1 
ATOM   113 C  "C3'" . DG  A 1 6  ? -10.510 2.131   -1.870  1.00 101.83 ? 6   DG  A "C3'" 1 
ATOM   114 O  "O3'" . DG  A 1 6  ? -10.804 1.584   -0.601  1.00 105.16 ? 6   DG  A "O3'" 1 
ATOM   115 C  "C2'" . DG  A 1 6  ? -10.895 1.193   -3.010  1.00 99.94  ? 6   DG  A "C2'" 1 
ATOM   116 C  "C1'" . DG  A 1 6  ? -11.079 2.179   -4.170  1.00 100.18 ? 6   DG  A "C1'" 1 
ATOM   117 N  N9    . DG  A 1 6  ? -9.913  2.278   -5.037  1.00 99.00  ? 6   DG  A N9    1 
ATOM   118 C  C8    . DG  A 1 6  ? -9.087  3.358   -5.170  1.00 101.96 ? 6   DG  A C8    1 
ATOM   119 N  N7    . DG  A 1 6  ? -8.116  3.167   -6.010  1.00 106.03 ? 6   DG  A N7    1 
ATOM   120 C  C5    . DG  A 1 6  ? -8.307  1.876   -6.457  1.00 105.90 ? 6   DG  A C5    1 
ATOM   121 C  C6    . DG  A 1 6  ? -7.562  1.126   -7.386  1.00 114.04 ? 6   DG  A C6    1 
ATOM   122 O  O6    . DG  A 1 6  ? -6.541  1.468   -8.011  1.00 118.90 ? 6   DG  A O6    1 
ATOM   123 N  N1    . DG  A 1 6  ? -8.103  -0.139  -7.564  1.00 114.79 ? 6   DG  A N1    1 
ATOM   124 C  C2    . DG  A 1 6  ? -9.219  -0.610  -6.921  1.00 110.49 ? 6   DG  A C2    1 
ATOM   125 N  N2    . DG  A 1 6  ? -9.589  -1.857  -7.218  1.00 115.03 ? 6   DG  A N2    1 
ATOM   126 N  N3    . DG  A 1 6  ? -9.920  0.086   -6.049  1.00 103.51 ? 6   DG  A N3    1 
ATOM   127 C  C4    . DG  A 1 6  ? -9.411  1.313   -5.870  1.00 100.37 ? 6   DG  A C4    1 
ATOM   128 P  P     . DG  A 1 7  ? -9.762  0.561   0.067   1.00 110.23 ? 7   DG  A P     1 
ATOM   129 O  OP1   . DG  A 1 7  ? -10.134 0.313   1.482   1.00 111.80 ? 7   DG  A OP1   1 
ATOM   130 O  OP2   . DG  A 1 7  ? -8.417  1.113   -0.214  1.00 113.81 ? 7   DG  A OP2   1 
ATOM   131 O  "O5'" . DG  A 1 7  ? -9.973  -0.760  -0.798  1.00 103.71 ? 7   DG  A "O5'" 1 
ATOM   132 C  "C5'" . DG  A 1 7  ? -9.116  -1.843  -0.661  1.00 107.89 ? 7   DG  A "C5'" 1 
ATOM   133 C  "C4'" . DG  A 1 7  ? -9.393  -2.849  -1.755  1.00 114.27 ? 7   DG  A "C4'" 1 
ATOM   134 O  "O4'" . DG  A 1 7  ? -9.509  -2.163  -3.033  1.00 115.62 ? 7   DG  A "O4'" 1 
ATOM   135 C  "C3'" . DG  A 1 7  ? -8.305  -3.872  -1.939  1.00 125.59 ? 7   DG  A "C3'" 1 
ATOM   136 O  "O3'" . DG  A 1 7  ? -8.543  -4.968  -1.043  1.00 125.26 ? 7   DG  A "O3'" 1 
ATOM   137 C  "C2'" . DG  A 1 7  ? -8.449  -4.246  -3.427  1.00 123.21 ? 7   DG  A "C2'" 1 
ATOM   138 C  "C1'" . DG  A 1 7  ? -8.864  -2.906  -4.061  1.00 118.33 ? 7   DG  A "C1'" 1 
ATOM   139 N  N9    . DG  A 1 7  ? -7.763  -2.071  -4.600  1.00 118.08 ? 7   DG  A N9    1 
ATOM   140 C  C8    . DG  A 1 7  ? -7.392  -0.827  -4.143  1.00 115.60 ? 7   DG  A C8    1 
ATOM   141 N  N7    . DG  A 1 7  ? -6.398  -0.293  -4.798  1.00 117.61 ? 7   DG  A N7    1 
ATOM   142 C  C5    . DG  A 1 7  ? -6.081  -1.230  -5.763  1.00 122.12 ? 7   DG  A C5    1 
ATOM   143 C  C6    . DG  A 1 7  ? -5.085  -1.188  -6.771  1.00 127.34 ? 7   DG  A C6    1 
ATOM   144 O  O6    . DG  A 1 7  ? -4.253  -0.287  -7.005  1.00 123.55 ? 7   DG  A O6    1 
ATOM   145 N  N1    . DG  A 1 7  ? -5.109  -2.341  -7.552  1.00 131.58 ? 7   DG  A N1    1 
ATOM   146 C  C2    . DG  A 1 7  ? -5.981  -3.397  -7.380  1.00 126.59 ? 7   DG  A C2    1 
ATOM   147 N  N2    . DG  A 1 7  ? -5.840  -4.421  -8.233  1.00 128.76 ? 7   DG  A N2    1 
ATOM   148 N  N3    . DG  A 1 7  ? -6.922  -3.448  -6.439  1.00 119.08 ? 7   DG  A N3    1 
ATOM   149 C  C4    . DG  A 1 7  ? -6.917  -2.335  -5.670  1.00 120.12 ? 7   DG  A C4    1 
ATOM   150 P  P     . DC  A 1 8  ? -7.507  -5.275  0.157   1.00 127.99 ? 8   DC  A P     1 
ATOM   151 O  OP1   . DC  A 1 8  ? -8.247  -5.931  1.258   1.00 133.15 ? 8   DC  A OP1   1 
ATOM   152 O  OP2   . DC  A 1 8  ? -6.742  -4.049  0.501   1.00 114.98 ? 8   DC  A OP2   1 
ATOM   153 O  "O5'" . DC  A 1 8  ? -6.566  -6.378  -0.510  1.00 127.84 ? 8   DC  A "O5'" 1 
ATOM   154 C  "C5'" . DC  A 1 8  ? -7.175  -7.520  -1.096  1.00 127.06 ? 8   DC  A "C5'" 1 
ATOM   155 C  "C4'" . DC  A 1 8  ? -6.647  -7.802  -2.494  1.00 131.30 ? 8   DC  A "C4'" 1 
ATOM   156 O  "O4'" . DC  A 1 8  ? -6.668  -6.616  -3.315  1.00 131.49 ? 8   DC  A "O4'" 1 
ATOM   157 C  "C3'" . DC  A 1 8  ? -5.213  -8.234  -2.555  1.00 135.95 ? 8   DC  A "C3'" 1 
ATOM   158 O  "O3'" . DC  A 1 8  ? -5.105  -9.575  -2.159  1.00 135.71 ? 8   DC  A "O3'" 1 
ATOM   159 C  "C2'" . DC  A 1 8  ? -4.913  -8.044  -4.040  1.00 136.14 ? 8   DC  A "C2'" 1 
ATOM   160 C  "C1'" . DC  A 1 8  ? -5.704  -6.767  -4.355  1.00 132.98 ? 8   DC  A "C1'" 1 
ATOM   161 N  N1    . DC  A 1 8  ? -4.840  -5.517  -4.447  1.00 135.21 ? 8   DC  A N1    1 
ATOM   162 C  C2    . DC  A 1 8  ? -4.082  -5.288  -5.597  1.00 135.97 ? 8   DC  A C2    1 
ATOM   163 O  O2    . DC  A 1 8  ? -4.134  -6.109  -6.522  1.00 138.09 ? 8   DC  A O2    1 
ATOM   164 N  N3    . DC  A 1 8  ? -3.308  -4.167  -5.671  1.00 137.44 ? 8   DC  A N3    1 
ATOM   165 C  C4    . DC  A 1 8  ? -3.280  -3.306  -4.657  1.00 134.53 ? 8   DC  A C4    1 
ATOM   166 N  N4    . DC  A 1 8  ? -2.511  -2.217  -4.775  1.00 135.50 ? 8   DC  A N4    1 
ATOM   167 C  C5    . DC  A 1 8  ? -4.045  -3.520  -3.478  1.00 134.78 ? 8   DC  A C5    1 
ATOM   168 C  C6    . DC  A 1 8  ? -4.800  -4.629  -3.414  1.00 135.42 ? 8   DC  A C6    1 
HETATM 169 N  N1    . BRU A 1 9  ? -0.782  -6.479  -4.001  1.00 143.08 ? 9   BRU A N1    1 
HETATM 170 C  C2    . BRU A 1 9  ? -0.019  -5.323  -4.266  1.00 149.74 ? 9   BRU A C2    1 
HETATM 171 N  N3    . BRU A 1 9  ? -0.120  -4.212  -3.525  1.00 152.37 ? 9   BRU A N3    1 
HETATM 172 C  C4    . BRU A 1 9  ? -0.958  -4.169  -2.494  1.00 149.44 ? 9   BRU A C4    1 
HETATM 173 C  C5    . BRU A 1 9  ? -1.765  -5.374  -2.189  1.00 148.51 ? 9   BRU A C5    1 
HETATM 174 C  C6    . BRU A 1 9  ? -1.637  -6.500  -2.981  1.00 142.72 ? 9   BRU A C6    1 
HETATM 175 O  O2    . BRU A 1 9  ? 0.772   -5.337  -5.227  1.00 153.68 ? 9   BRU A O2    1 
HETATM 176 O  O4    . BRU A 1 9  ? -1.053  -3.135  -1.804  1.00 150.56 ? 9   BRU A O4    1 
HETATM 177 BR BR    . BRU A 1 9  ? -2.964  -5.384  -0.739  1.00 180.07 ? 9   BRU A BR    1 
HETATM 178 C  "C1'" . BRU A 1 9  ? -0.623  -7.665  -4.839  1.00 142.07 ? 9   BRU A "C1'" 1 
HETATM 179 C  "C2'" . BRU A 1 9  ? 0.575   -8.398  -4.272  1.00 141.92 ? 9   BRU A "C2'" 1 
HETATM 180 C  "C3'" . BRU A 1 9  ? -0.036  -9.543  -3.497  1.00 141.53 ? 9   BRU A "C3'" 1 
HETATM 181 C  "C4'" . BRU A 1 9  ? -1.348  -9.815  -4.211  1.00 139.66 ? 9   BRU A "C4'" 1 
HETATM 182 O  "O3'" . BRU A 1 9  ? 0.851   -10.656 -3.483  1.00 140.95 ? 9   BRU A "O3'" 1 
HETATM 183 O  "O4'" . BRU A 1 9  ? -1.753  -8.532  -4.689  1.00 142.42 ? 9   BRU A "O4'" 1 
HETATM 184 C  "C5'" . BRU A 1 9  ? -2.424  -10.439 -3.319  1.00 139.93 ? 9   BRU A "C5'" 1 
HETATM 185 O  "O5'" . BRU A 1 9  ? -2.590  -9.763  -2.063  1.00 142.71 ? 9   BRU A "O5'" 1 
HETATM 186 P  P     . BRU A 1 9  ? -3.922  -10.006 -1.168  1.00 142.87 ? 9   BRU A P     1 
HETATM 187 O  OP1   . BRU A 1 9  ? -4.097  -11.478 -0.875  1.00 139.74 ? 9   BRU A OP1   1 
HETATM 188 O  OP2   . BRU A 1 9  ? -3.940  -9.039  -0.005  1.00 136.29 ? 9   BRU A OP2   1 
ATOM   189 P  P     . DT  A 1 10 ? 1.538   -11.092 -2.099  1.00 142.60 ? 10  DT  A P     1 
ATOM   190 O  OP1   . DT  A 1 10 ? 1.190   -12.502 -1.846  1.00 137.27 ? 10  DT  A OP1   1 
ATOM   191 O  OP2   . DT  A 1 10 ? 1.209   -10.071 -1.079  1.00 149.97 ? 10  DT  A OP2   1 
ATOM   192 O  "O5'" . DT  A 1 10 ? 3.097   -10.973 -2.387  1.00 143.80 ? 10  DT  A "O5'" 1 
ATOM   193 C  "C5'" . DT  A 1 10 ? 3.607   -11.339 -3.642  1.00 144.11 ? 10  DT  A "C5'" 1 
ATOM   194 C  "C4'" . DT  A 1 10 ? 4.537   -10.265 -4.153  1.00 150.55 ? 10  DT  A "C4'" 1 
ATOM   195 O  "O4'" . DT  A 1 10 ? 3.814   -9.026  -4.235  1.00 153.92 ? 10  DT  A "O4'" 1 
ATOM   196 C  "C3'" . DT  A 1 10 ? 5.713   -9.947  -3.246  1.00 156.10 ? 10  DT  A "C3'" 1 
ATOM   197 O  "O3'" . DT  A 1 10 ? 6.797   -10.839 -3.522  1.00 162.37 ? 10  DT  A "O3'" 1 
ATOM   198 C  "C2'" . DT  A 1 10 ? 6.064   -8.511  -3.652  1.00 155.65 ? 10  DT  A "C2'" 1 
ATOM   199 C  "C1'" . DT  A 1 10 ? 4.723   -7.948  -4.131  1.00 154.16 ? 10  DT  A "C1'" 1 
ATOM   200 N  N1    . DT  A 1 10 ? 4.145   -6.935  -3.222  1.00 154.19 ? 10  DT  A N1    1 
ATOM   201 C  C2    . DT  A 1 10 ? 4.569   -5.640  -3.330  1.00 155.98 ? 10  DT  A C2    1 
ATOM   202 O  O2    . DT  A 1 10 ? 5.416   -5.284  -4.138  1.00 157.34 ? 10  DT  A O2    1 
ATOM   203 N  N3    . DT  A 1 10 ? 3.971   -4.769  -2.457  1.00 156.79 ? 10  DT  A N3    1 
ATOM   204 C  C4    . DT  A 1 10 ? 3.006   -5.067  -1.506  1.00 158.20 ? 10  DT  A C4    1 
ATOM   205 O  O4    . DT  A 1 10 ? 2.528   -4.213  -0.762  1.00 185.29 ? 10  DT  A O4    1 
ATOM   206 C  C5    . DT  A 1 10 ? 2.605   -6.452  -1.447  1.00 154.11 ? 10  DT  A C5    1 
ATOM   207 C  C7    . DT  A 1 10 ? 1.571   -6.896  -0.453  1.00 151.75 ? 10  DT  A C7    1 
ATOM   208 C  C6    . DT  A 1 10 ? 3.186   -7.309  -2.298  1.00 152.13 ? 10  DT  A C6    1 
ATOM   209 P  P     . DG  A 1 11 ? 7.716   -11.442 -2.339  1.00 174.09 ? 11  DG  A P     1 
ATOM   210 O  OP1   . DG  A 1 11 ? 9.061   -11.672 -2.916  1.00 165.65 ? 11  DG  A OP1   1 
ATOM   211 O  OP2   . DG  A 1 11 ? 6.944   -12.543 -1.717  1.00 164.10 ? 11  DG  A OP2   1 
ATOM   212 O  "O5'" . DG  A 1 11 ? 7.852   -10.260 -1.256  1.00 171.13 ? 11  DG  A "O5'" 1 
ATOM   213 C  "C5'" . DG  A 1 11 ? 9.067   -10.094 -0.521  1.00 157.15 ? 11  DG  A "C5'" 1 
ATOM   214 C  "C4'" . DG  A 1 11 ? 9.872   -8.944  -1.091  1.00 154.88 ? 11  DG  A "C4'" 1 
ATOM   215 O  "O4'" . DG  A 1 11 ? 9.017   -8.106  -1.909  1.00 155.32 ? 11  DG  A "O4'" 1 
ATOM   216 C  "C3'" . DG  A 1 11 ? 10.476  -8.037  -0.045  1.00 152.38 ? 11  DG  A "C3'" 1 
ATOM   217 O  "O3'" . DG  A 1 11 ? 11.806  -8.387  0.120   1.00 148.47 ? 11  DG  A "O3'" 1 
ATOM   218 C  "C2'" . DG  A 1 11 ? 10.330  -6.645  -0.653  1.00 153.59 ? 11  DG  A "C2'" 1 
ATOM   219 C  "C1'" . DG  A 1 11 ? 9.038   -6.785  -1.431  1.00 153.70 ? 11  DG  A "C1'" 1 
ATOM   220 N  N9    . DG  A 1 11 ? 7.825   -6.550  -0.640  1.00 152.44 ? 11  DG  A N9    1 
ATOM   221 C  C8    . DG  A 1 11 ? 7.069   -7.477  0.045   1.00 152.26 ? 11  DG  A C8    1 
ATOM   222 N  N7    . DG  A 1 11 ? 6.029   -6.966  0.645   1.00 150.42 ? 11  DG  A N7    1 
ATOM   223 C  C5    . DG  A 1 11 ? 6.097   -5.619  0.334   1.00 149.55 ? 11  DG  A C5    1 
ATOM   224 C  C6    . DG  A 1 11 ? 5.239   -4.560  0.697   1.00 146.79 ? 11  DG  A C6    1 
ATOM   225 O  O6    . DG  A 1 11 ? 4.224   -4.603  1.415   1.00 144.66 ? 11  DG  A O6    1 
ATOM   226 N  N1    . DG  A 1 11 ? 5.685   -3.345  0.180   1.00 145.63 ? 11  DG  A N1    1 
ATOM   227 C  C2    . DG  A 1 11 ? 6.809   -3.187  -0.607  1.00 147.90 ? 11  DG  A C2    1 
ATOM   228 N  N2    . DG  A 1 11 ? 7.077   -1.947  -1.028  1.00 146.45 ? 11  DG  A N2    1 
ATOM   229 N  N3    . DG  A 1 11 ? 7.612   -4.173  -0.958  1.00 147.98 ? 11  DG  A N3    1 
ATOM   230 C  C4    . DG  A 1 11 ? 7.198   -5.352  -0.456  1.00 150.19 ? 11  DG  A C4    1 
ATOM   231 P  P     . DC  A 1 12 ? 12.344  -8.767  1.574   1.00 149.79 ? 12  DC  A P     1 
ATOM   232 O  OP1   . DC  A 1 12 ? 13.052  -10.054 1.448   1.00 151.76 ? 12  DC  A OP1   1 
ATOM   233 O  OP2   . DC  A 1 12 ? 11.247  -8.652  2.560   1.00 151.89 ? 12  DC  A OP2   1 
ATOM   234 O  "O5'" . DC  A 1 12 ? 13.378  -7.594  1.855   1.00 155.02 ? 12  DC  A "O5'" 1 
ATOM   235 C  "C5'" . DC  A 1 12 ? 13.266  -6.375  1.122   1.00 154.16 ? 12  DC  A "C5'" 1 
ATOM   236 C  "C4'" . DC  A 1 12 ? 12.718  -5.264  2.002   1.00 155.67 ? 12  DC  A "C4'" 1 
ATOM   237 O  "O4'" . DC  A 1 12 ? 11.275  -5.113  1.828   1.00 154.29 ? 12  DC  A "O4'" 1 
ATOM   238 C  "C3'" . DC  A 1 12 ? 12.933  -5.457  3.521   1.00 154.51 ? 12  DC  A "C3'" 1 
ATOM   239 O  "O3'" . DC  A 1 12 ? 13.469  -4.251  4.085   1.00 152.25 ? 12  DC  A "O3'" 1 
ATOM   240 C  "C2'" . DC  A 1 12 ? 11.516  -5.708  4.021   1.00 151.31 ? 12  DC  A "C2'" 1 
ATOM   241 C  "C1'" . DC  A 1 12 ? 10.777  -4.774  3.094   1.00 158.94 ? 12  DC  A "C1'" 1 
ATOM   242 N  N1    . DC  A 1 12 ? 9.292   -4.884  3.177   1.00 159.38 ? 12  DC  A N1    1 
ATOM   243 C  C2    . DC  A 1 12 ? 8.483   -3.866  2.647   1.00 150.98 ? 12  DC  A C2    1 
ATOM   244 O  O2    . DC  A 1 12 ? 9.016   -2.912  2.056   1.00 142.74 ? 12  DC  A O2    1 
ATOM   245 N  N3    . DC  A 1 12 ? 7.130   -3.963  2.794   1.00 148.93 ? 12  DC  A N3    1 
ATOM   246 C  C4    . DC  A 1 12 ? 6.591   -5.013  3.443   1.00 150.41 ? 12  DC  A C4    1 
ATOM   247 N  N4    . DC  A 1 12 ? 5.248   -5.077  3.555   1.00 145.16 ? 12  DC  A N4    1 
ATOM   248 C  C5    . DC  A 1 12 ? 7.407   -6.043  4.003   1.00 157.07 ? 12  DC  A C5    1 
ATOM   249 C  C6    . DC  A 1 12 ? 8.736   -5.931  3.862   1.00 154.71 ? 12  DC  A C6    1 
ATOM   250 P  P     . DC  A 1 13 ? 13.943  -4.176  5.626   1.00 147.55 ? 13  DC  A P     1 
ATOM   251 O  OP1   . DC  A 1 13 ? 15.410  -3.983  5.591   1.00 151.51 ? 13  DC  A OP1   1 
ATOM   252 O  OP2   . DC  A 1 13 ? 13.366  -5.296  6.403   1.00 144.70 ? 13  DC  A OP2   1 
ATOM   253 O  "O5'" . DC  A 1 13 ? 13.292  -2.815  6.157   1.00 141.69 ? 13  DC  A "O5'" 1 
ATOM   254 C  "C5'" . DC  A 1 13 ? 13.739  -1.577  5.627   1.00 142.22 ? 13  DC  A "C5'" 1 
ATOM   255 C  "C4'" . DC  A 1 13 ? 12.687  -0.487  5.778   1.00 142.65 ? 13  DC  A "C4'" 1 
ATOM   256 O  "O4'" . DC  A 1 13 ? 11.482  -0.843  5.060   1.00 141.41 ? 13  DC  A "O4'" 1 
ATOM   257 C  "C3'" . DC  A 1 13 ? 12.192  -0.237  7.186   1.00 146.55 ? 13  DC  A "C3'" 1 
ATOM   258 O  "O3'" . DC  A 1 13 ? 13.136  0.541   7.922   1.00 139.46 ? 13  DC  A "O3'" 1 
ATOM   259 C  "C2'" . DC  A 1 13 ? 10.902  0.541   6.913   1.00 145.01 ? 13  DC  A "C2'" 1 
ATOM   260 C  "C1'" . DC  A 1 13 ? 10.401  -0.085  5.594   1.00 138.08 ? 13  DC  A "C1'" 1 
ATOM   261 N  N1    . DC  A 1 13 ? 9.175   -0.976  5.753   1.00 134.31 ? 13  DC  A N1    1 
ATOM   262 C  C2    . DC  A 1 13 ? 7.937   -0.407  6.095   1.00 129.09 ? 13  DC  A C2    1 
ATOM   263 O  O2    . DC  A 1 13 ? 7.860   0.815   6.265   1.00 126.89 ? 13  DC  A O2    1 
ATOM   264 N  N3    . DC  A 1 13 ? 6.853   -1.217  6.235   1.00 126.33 ? 13  DC  A N3    1 
ATOM   265 C  C4    . DC  A 1 13 ? 6.971   -2.531  6.049   1.00 132.02 ? 13  DC  A C4    1 
ATOM   266 N  N4    . DC  A 1 13 ? 5.875   -3.290  6.200   1.00 133.45 ? 13  DC  A N4    1 
ATOM   267 C  C5    . DC  A 1 13 ? 8.218   -3.126  5.705   1.00 136.93 ? 13  DC  A C5    1 
ATOM   268 C  C6    . DC  A 1 13 ? 9.281   -2.321  5.560   1.00 138.42 ? 13  DC  A C6    1 
ATOM   269 P  P     . DC  A 1 14 ? 13.203  0.426   9.526   1.00 138.40 ? 14  DC  A P     1 
ATOM   270 O  OP1   . DC  A 1 14 ? 14.480  1.024   9.952   1.00 135.47 ? 14  DC  A OP1   1 
ATOM   271 O  OP2   . DC  A 1 14 ? 12.853  -0.955  9.943   1.00 141.66 ? 14  DC  A OP2   1 
ATOM   272 O  "O5'" . DC  A 1 14 ? 12.039  1.389   10.019  1.00 128.16 ? 14  DC  A "O5'" 1 
ATOM   273 C  "C5'" . DC  A 1 14 ? 12.053  2.741   9.646   1.00 121.51 ? 14  DC  A "C5'" 1 
ATOM   274 C  "C4'" . DC  A 1 14 ? 10.725  3.380   9.968   1.00 120.82 ? 14  DC  A "C4'" 1 
ATOM   275 O  "O4'" . DC  A 1 14 ? 9.708   2.860   9.076   1.00 117.22 ? 14  DC  A "O4'" 1 
ATOM   276 C  "C3'" . DC  A 1 14 ? 10.172  3.079   11.353  1.00 118.91 ? 14  DC  A "C3'" 1 
ATOM   277 O  "O3'" . DC  A 1 14 ? 10.793  3.912   12.358  1.00 120.06 ? 14  DC  A "O3'" 1 
ATOM   278 C  "C2'" . DC  A 1 14 ? 8.713   3.453   11.143  1.00 115.57 ? 14  DC  A "C2'" 1 
ATOM   279 C  "C1'" . DC  A 1 14 ? 8.450   2.907   9.740   1.00 114.25 ? 14  DC  A "C1'" 1 
ATOM   280 N  N1    . DC  A 1 14 ? 7.869   1.557   9.760   1.00 113.05 ? 14  DC  A N1    1 
ATOM   281 C  C2    . DC  A 1 14 ? 6.566   1.374   10.213  1.00 111.40 ? 14  DC  A C2    1 
ATOM   282 O  O2    . DC  A 1 14 ? 5.914   2.359   10.587  1.00 106.55 ? 14  DC  A O2    1 
ATOM   283 N  N3    . DC  A 1 14 ? 6.052   0.115   10.232  1.00 111.38 ? 14  DC  A N3    1 
ATOM   284 C  C4    . DC  A 1 14 ? 6.793   -0.920  9.817   1.00 112.22 ? 14  DC  A C4    1 
ATOM   285 N  N4    . DC  A 1 14 ? 6.251   -2.144  9.854   1.00 112.52 ? 14  DC  A N4    1 
ATOM   286 C  C5    . DC  A 1 14 ? 8.125   -0.745  9.361   1.00 118.65 ? 14  DC  A C5    1 
ATOM   287 C  C6    . DC  A 1 14 ? 8.616   0.498   9.350   1.00 119.59 ? 14  DC  A C6    1 
ATOM   288 P  P     . DC  A 1 15 ? 11.129  3.343   13.832  1.00 117.64 ? 15  DC  A P     1 
ATOM   289 O  OP1   . DC  A 1 15 ? 12.031  4.310   14.502  1.00 125.79 ? 15  DC  A OP1   1 
ATOM   290 O  OP2   . DC  A 1 15 ? 11.508  1.920   13.700  1.00 125.46 ? 15  DC  A OP2   1 
ATOM   291 O  "O5'" . DC  A 1 15 ? 9.746   3.387   14.618  1.00 107.75 ? 15  DC  A "O5'" 1 
ATOM   292 C  "C5'" . DC  A 1 15 ? 8.882   4.484   14.484  1.00 106.77 ? 15  DC  A "C5'" 1 
ATOM   293 C  "C4'" . DC  A 1 15 ? 7.473   4.014   14.699  1.00 106.94 ? 15  DC  A "C4'" 1 
ATOM   294 O  "O4'" . DC  A 1 15 ? 7.089   3.133   13.617  1.00 112.01 ? 15  DC  A "O4'" 1 
ATOM   295 C  "C3'" . DC  A 1 15 ? 7.310   3.147   15.919  1.00 104.75 ? 15  DC  A "C3'" 1 
ATOM   296 O  "O3'" . DC  A 1 15 ? 7.205   3.949   17.071  1.00 109.51 ? 15  DC  A "O3'" 1 
ATOM   297 C  "C2'" . DC  A 1 15 ? 6.007   2.417   15.608  1.00 102.85 ? 15  DC  A "C2'" 1 
ATOM   298 C  "C1'" . DC  A 1 15 ? 6.107   2.221   14.088  1.00 108.01 ? 15  DC  A "C1'" 1 
ATOM   299 N  N1    . DC  A 1 15 ? 6.478   0.818   13.683  1.00 108.43 ? 15  DC  A N1    1 
ATOM   300 C  C2    . DC  A 1 15 ? 5.565   -0.216  13.896  1.00 107.90 ? 15  DC  A C2    1 
ATOM   301 O  O2    . DC  A 1 15 ? 4.471   0.056   14.412  1.00 105.63 ? 15  DC  A O2    1 
ATOM   302 N  N3    . DC  A 1 15 ? 5.901   -1.491  13.537  1.00 110.60 ? 15  DC  A N3    1 
ATOM   303 C  C4    . DC  A 1 15 ? 7.094   -1.741  12.986  1.00 112.05 ? 15  DC  A C4    1 
ATOM   304 N  N4    . DC  A 1 15 ? 7.383   -3.012  12.648  1.00 110.87 ? 15  DC  A N4    1 
ATOM   305 C  C5    . DC  A 1 15 ? 8.043   -0.694  12.762  1.00 112.00 ? 15  DC  A C5    1 
ATOM   306 C  C6    . DC  A 1 15 ? 7.696   0.557   13.120  1.00 110.31 ? 15  DC  A C6    1 
ATOM   307 P  P     . DA  A 1 16 ? 7.778   3.410   18.467  1.00 108.08 ? 16  DA  A P     1 
ATOM   308 O  OP1   . DA  A 1 16 ? 8.488   4.532   19.118  1.00 99.86  ? 16  DA  A OP1   1 
ATOM   309 O  OP2   . DA  A 1 16 ? 8.467   2.135   18.199  1.00 108.54 ? 16  DA  A OP2   1 
ATOM   310 O  "O5'" . DA  A 1 16 ? 6.480   3.003   19.298  1.00 94.45  ? 16  DA  A "O5'" 1 
ATOM   311 C  "C5'" . DA  A 1 16 ? 6.444   1.778   19.967  1.00 91.08  ? 16  DA  A "C5'" 1 
ATOM   312 C  "C4'" . DA  A 1 16 ? 5.247   0.996   19.515  1.00 92.52  ? 16  DA  A "C4'" 1 
ATOM   313 O  "O4'" . DA  A 1 16 ? 5.448   0.573   18.168  1.00 96.55  ? 16  DA  A "O4'" 1 
ATOM   314 C  "C3'" . DA  A 1 16 ? 5.009   -0.295  20.252  1.00 98.66  ? 16  DA  A "C3'" 1 
ATOM   315 O  "O3'" . DA  A 1 16 ? 4.360   -0.034  21.441  1.00 101.63 ? 16  DA  A "O3'" 1 
ATOM   316 C  "C2'" . DA  A 1 16 ? 4.105   -1.041  19.286  1.00 98.52  ? 16  DA  A "C2'" 1 
ATOM   317 C  "C1'" . DA  A 1 16 ? 4.625   -0.561  17.932  1.00 101.71 ? 16  DA  A "C1'" 1 
ATOM   318 N  N9    . DA  A 1 16 ? 5.392   -1.561  17.190  1.00 102.16 ? 16  DA  A N9    1 
ATOM   319 C  C8    . DA  A 1 16 ? 6.627   -1.400  16.630  1.00 104.05 ? 16  DA  A C8    1 
ATOM   320 N  N7    . DA  A 1 16 ? 7.070   -2.459  15.997  1.00 102.40 ? 16  DA  A N7    1 
ATOM   321 C  C5    . DA  A 1 16 ? 6.056   -3.374  16.142  1.00 103.86 ? 16  DA  A C5    1 
ATOM   322 C  C6    . DA  A 1 16 ? 5.917   -4.692  15.691  1.00 107.49 ? 16  DA  A C6    1 
ATOM   323 N  N6    . DA  A 1 16 ? 6.859   -5.331  14.973  1.00 110.64 ? 16  DA  A N6    1 
ATOM   324 N  N1    . DA  A 1 16 ? 4.771   -5.337  16.009  1.00 106.10 ? 16  DA  A N1    1 
ATOM   325 C  C2    . DA  A 1 16 ? 3.836   -4.692  16.732  1.00 104.17 ? 16  DA  A C2    1 
ATOM   326 N  N3    . DA  A 1 16 ? 3.857   -3.450  17.211  1.00 101.97 ? 16  DA  A N3    1 
ATOM   327 C  C4    . DA  A 1 16 ? 5.005   -2.838  16.876  1.00 101.50 ? 16  DA  A C4    1 
ATOM   328 P  P     . DC  A 1 17 ? 5.018   -0.517  22.816  1.00 111.72 ? 17  DC  A P     1 
ATOM   329 O  OP1   . DC  A 1 17 ? 4.594   0.429   23.867  1.00 111.96 ? 17  DC  A OP1   1 
ATOM   330 O  OP2   . DC  A 1 17 ? 6.472   -0.746  22.591  1.00 101.08 ? 17  DC  A OP2   1 
ATOM   331 O  "O5'" . DC  A 1 17 ? 4.239   -1.866  23.100  1.00 107.36 ? 17  DC  A "O5'" 1 
ATOM   332 C  "C5'" . DC  A 1 17 ? 2.851   -1.811  23.228  1.00 106.96 ? 17  DC  A "C5'" 1 
ATOM   333 C  "C4'" . DC  A 1 17 ? 2.253   -3.052  22.654  1.00 114.45 ? 17  DC  A "C4'" 1 
ATOM   334 O  "O4'" . DC  A 1 17 ? 2.725   -3.207  21.310  1.00 111.94 ? 17  DC  A "O4'" 1 
ATOM   335 C  "C3'" . DC  A 1 17 ? 2.696   -4.317  23.344  1.00 120.92 ? 17  DC  A "C3'" 1 
ATOM   336 O  "O3'" . DC  A 1 17 ? 1.871   -4.559  24.480  1.00 132.23 ? 17  DC  A "O3'" 1 
ATOM   337 C  "C2'" . DC  A 1 17 ? 2.474   -5.364  22.261  1.00 116.34 ? 17  DC  A "C2'" 1 
ATOM   338 C  "C1'" . DC  A 1 17 ? 2.719   -4.577  20.976  1.00 112.65 ? 17  DC  A "C1'" 1 
ATOM   339 N  N1    . DC  A 1 17 ? 3.986   -4.884  20.348  1.00 100.40 ? 17  DC  A N1    1 
ATOM   340 C  C2    . DC  A 1 17 ? 4.172   -6.121  19.755  1.00 101.87 ? 17  DC  A C2    1 
ATOM   341 O  O2    . DC  A 1 17 ? 3.252   -6.946  19.786  1.00 104.19 ? 17  DC  A O2    1 
ATOM   342 N  N3    . DC  A 1 17 ? 5.350   -6.387  19.160  1.00 99.62  ? 17  DC  A N3    1 
ATOM   343 C  C4    . DC  A 1 17 ? 6.303   -5.467  19.141  1.00 100.11 ? 17  DC  A C4    1 
ATOM   344 N  N4    . DC  A 1 17 ? 7.459   -5.771  18.537  1.00 101.40 ? 17  DC  A N4    1 
ATOM   345 C  C5    . DC  A 1 17 ? 6.119   -4.194  19.742  1.00 102.86 ? 17  DC  A C5    1 
ATOM   346 C  C6    . DC  A 1 17 ? 4.958   -3.955  20.333  1.00 99.19  ? 17  DC  A C6    1 
ATOM   347 P  P     . DC  A 1 18 ? 2.427   -5.432  25.713  1.00 146.84 ? 18  DC  A P     1 
ATOM   348 O  OP1   . DC  A 1 18 ? 1.377   -5.451  26.773  1.00 134.96 ? 18  DC  A OP1   1 
ATOM   349 O  OP2   . DC  A 1 18 ? 3.842   -5.014  25.973  1.00 131.78 ? 18  DC  A OP2   1 
ATOM   350 O  "O5'" . DC  A 1 18 ? 2.464   -6.912  25.131  1.00 133.12 ? 18  DC  A "O5'" 1 
ATOM   351 C  "C5'" . DC  A 1 18 ? 1.269   -7.506  24.651  1.00 131.87 ? 18  DC  A "C5'" 1 
ATOM   352 C  "C4'" . DC  A 1 18 ? 1.530   -8.939  24.251  1.00 128.92 ? 18  DC  A "C4'" 1 
ATOM   353 O  "O4'" . DC  A 1 18 ? 2.387   -8.971  23.076  1.00 120.41 ? 18  DC  A "O4'" 1 
ATOM   354 C  "C3'" . DC  A 1 18 ? 2.244   -9.761  25.324  1.00 128.76 ? 18  DC  A "C3'" 1 
ATOM   355 O  "O3'" . DC  A 1 18 ? 1.641   -11.039 25.431  1.00 141.16 ? 18  DC  A "O3'" 1 
ATOM   356 C  "C2'" . DC  A 1 18 ? 3.670   -9.855  24.798  1.00 115.86 ? 18  DC  A "C2'" 1 
ATOM   357 C  "C1'" . DC  A 1 18 ? 3.431   -9.879  23.301  1.00 110.57 ? 18  DC  A "C1'" 1 
ATOM   358 N  N1    . DC  A 1 18 ? 4.586   -9.438  22.564  1.00 103.78 ? 18  DC  A N1    1 
ATOM   359 C  C2    . DC  A 1 18 ? 5.088   -10.229 21.530  1.00 103.51 ? 18  DC  A C2    1 
ATOM   360 O  O2    . DC  A 1 18 ? 4.510   -11.291 21.238  1.00 101.86 ? 18  DC  A O2    1 
ATOM   361 N  N3    . DC  A 1 18 ? 6.192   -9.803  20.865  1.00 104.95 ? 18  DC  A N3    1 
ATOM   362 C  C4    . DC  A 1 18 ? 6.781   -8.648  21.216  1.00 105.96 ? 18  DC  A C4    1 
ATOM   363 N  N4    . DC  A 1 18 ? 7.875   -8.257  20.536  1.00 104.49 ? 18  DC  A N4    1 
ATOM   364 C  C5    . DC  A 1 18 ? 6.274   -7.843  22.276  1.00 106.63 ? 18  DC  A C5    1 
ATOM   365 C  C6    . DC  A 1 18 ? 5.189   -8.276  22.917  1.00 106.37 ? 18  DC  A C6    1 
HETATM 366 SR SR    . SR  B 2 .  ? -0.871  -0.860  -1.156  0.50 155.91 ? 101 SR  A SR    1 
HETATM 367 SR SR    . SR  C 2 .  ? 1.278   -3.615  5.392   1.00 161.16 ? 102 SR  A SR    1 
# 
